data_4GOM
#
_entry.id   4GOM
#
_cell.length_a   161.038
_cell.length_b   161.038
_cell.length_c   95.293
_cell.angle_alpha   90.00
_cell.angle_beta   90.00
_cell.angle_gamma   120.00
#
_symmetry.space_group_name_H-M   'P 31 2 1'
#
loop_
_entity.id
_entity.type
_entity.pdbx_description
1 polymer 'DNA adenine methylase'
2 non-polymer "5'-{[(3S)-3-amino-3-carboxypropyl]amino}-5'-deoxyadenosine"
3 water water
#
_entity_poly.entity_id   1
_entity_poly.type   'polypeptide(L)'
_entity_poly.pdbx_seq_one_letter_code
;MKKNRAFLKWAGGKYPLLDDIKRHLPKGECLVEPFVGAGSVFLNTDFSRYILADINSDLISLYNIVKMRTDEYVQAAREL
FVPETNCAEVYYQFREEFNKSQDPFRRAVLFLYLNRYGYNGLCRYNLRGEFNVPFGRYKKPYFPEAELYHFAEKAQNAFF
YCESYADSMARADDASVVYCDPPYAPLSATANFTAYHTNSFTLEQQAHLAEIAEGLVERHIPVLISNHDTMLTREWYQRA
KLHVVKVRRSISSNGGTRKKVDELLALYKPGVVSPAKK
;
_entity_poly.pdbx_strand_id   D,E,F
#
loop_
_chem_comp.id
_chem_comp.type
_chem_comp.name
_chem_comp.formula
0Y0 non-polymer 5'-{[(3S)-3-amino-3-carboxypropyl]amino}-5'-deoxyadenosine 'C14 H21 N7 O5'
#
# COMPACT_ATOMS: atom_id res chain seq x y z
N LYS A 3 11.79 -12.15 -30.85
CA LYS A 3 10.69 -12.92 -30.19
C LYS A 3 9.36 -12.60 -30.88
N ASN A 4 8.61 -13.66 -31.21
CA ASN A 4 7.32 -13.55 -31.87
C ASN A 4 6.34 -12.98 -30.86
N ARG A 5 5.46 -12.07 -31.29
CA ARG A 5 4.63 -11.33 -30.37
C ARG A 5 3.23 -11.99 -30.35
N ALA A 6 2.59 -11.79 -29.22
CA ALA A 6 1.28 -12.30 -28.91
C ALA A 6 0.20 -11.37 -29.50
N PHE A 7 -0.81 -11.90 -30.13
CA PHE A 7 -1.79 -11.00 -30.69
C PHE A 7 -2.64 -10.16 -29.63
N LEU A 8 -2.61 -10.58 -28.36
CA LEU A 8 -3.37 -9.93 -27.30
C LEU A 8 -2.51 -9.10 -26.44
N LYS A 9 -2.97 -7.95 -26.00
CA LYS A 9 -2.37 -7.36 -24.80
C LYS A 9 -2.89 -8.22 -23.65
N TRP A 10 -1.99 -8.68 -22.78
CA TRP A 10 -2.38 -9.60 -21.71
C TRP A 10 -1.32 -9.66 -20.67
N ALA A 11 -1.77 -9.66 -19.41
CA ALA A 11 -0.96 -9.25 -18.24
C ALA A 11 0.56 -9.49 -18.21
N GLY A 12 1.24 -8.30 -18.24
CA GLY A 12 2.64 -8.02 -17.85
C GLY A 12 3.66 -7.89 -18.96
N GLY A 13 3.30 -7.21 -20.07
CA GLY A 13 4.13 -7.16 -21.33
C GLY A 13 5.12 -8.33 -21.52
N LYS A 14 4.55 -9.55 -21.57
CA LYS A 14 5.12 -10.79 -20.90
C LYS A 14 6.57 -11.31 -21.22
N TYR A 15 7.31 -10.50 -21.99
CA TYR A 15 8.64 -10.93 -22.44
C TYR A 15 9.70 -11.08 -21.32
N PRO A 16 9.64 -10.23 -20.24
CA PRO A 16 10.89 -9.92 -19.47
C PRO A 16 11.54 -11.13 -18.74
N LEU A 17 11.75 -12.23 -19.46
CA LEU A 17 11.81 -13.50 -18.78
C LEU A 17 12.15 -14.56 -19.80
N LEU A 18 11.57 -14.43 -20.99
CA LEU A 18 11.62 -15.48 -21.99
C LEU A 18 12.96 -16.21 -22.05
N ASP A 19 14.05 -15.48 -22.05
CA ASP A 19 15.33 -16.13 -22.18
C ASP A 19 15.68 -16.95 -20.97
N ASP A 20 15.45 -16.40 -19.78
CA ASP A 20 15.70 -17.18 -18.56
C ASP A 20 14.84 -18.44 -18.50
N ILE A 21 13.61 -18.36 -18.97
CA ILE A 21 12.70 -19.48 -19.00
C ILE A 21 13.21 -20.57 -19.93
N LYS A 22 13.61 -20.17 -21.13
CA LYS A 22 14.12 -21.15 -22.07
C LYS A 22 15.45 -21.69 -21.56
N ARG A 23 16.23 -20.82 -20.93
CA ARG A 23 17.44 -21.29 -20.25
C ARG A 23 17.11 -22.50 -19.35
N HIS A 24 16.12 -22.37 -18.46
CA HIS A 24 15.84 -23.46 -17.52
C HIS A 24 14.84 -24.51 -17.91
N LEU A 25 14.00 -24.21 -18.88
CA LEU A 25 12.87 -25.08 -19.23
C LEU A 25 13.38 -26.33 -19.91
N PRO A 26 13.21 -27.52 -19.28
CA PRO A 26 13.78 -28.77 -19.85
C PRO A 26 13.10 -29.09 -21.13
N LYS A 27 13.39 -30.24 -21.73
CA LYS A 27 12.83 -30.55 -23.05
C LYS A 27 12.05 -31.87 -23.15
N GLY A 28 11.15 -31.97 -24.12
CA GLY A 28 10.39 -33.18 -24.35
C GLY A 28 9.42 -33.10 -25.52
N GLU A 29 8.46 -34.03 -25.56
CA GLU A 29 7.56 -34.08 -26.69
C GLU A 29 6.45 -32.99 -26.63
N CYS A 30 5.99 -32.70 -25.41
CA CYS A 30 4.75 -31.94 -25.23
C CYS A 30 4.85 -30.95 -24.09
N LEU A 31 4.47 -29.70 -24.37
CA LEU A 31 4.42 -28.67 -23.31
C LEU A 31 3.00 -28.42 -22.81
N VAL A 32 2.83 -28.51 -21.48
CA VAL A 32 1.59 -28.20 -20.75
C VAL A 32 1.71 -26.84 -20.09
N GLU A 33 0.80 -25.91 -20.45
CA GLU A 33 0.74 -24.65 -19.74
C GLU A 33 -0.66 -24.53 -19.04
N PRO A 34 -0.66 -24.67 -17.73
CA PRO A 34 -1.97 -24.48 -17.02
C PRO A 34 -2.45 -23.03 -17.02
N PHE A 35 -1.57 -22.03 -17.16
CA PHE A 35 -1.94 -20.60 -17.20
C PHE A 35 -1.43 -19.92 -18.51
N VAL A 36 -1.91 -20.38 -19.67
CA VAL A 36 -1.40 -19.90 -20.98
C VAL A 36 -1.38 -18.35 -21.07
N GLY A 37 -2.50 -17.71 -20.73
CA GLY A 37 -2.61 -16.25 -20.81
C GLY A 37 -2.34 -15.84 -22.25
N ALA A 38 -1.28 -15.04 -22.46
CA ALA A 38 -1.06 -14.44 -23.78
C ALA A 38 -0.46 -15.45 -24.70
N GLY A 39 0.24 -16.42 -24.17
CA GLY A 39 0.80 -17.45 -25.01
C GLY A 39 2.28 -17.27 -25.42
N SER A 40 2.98 -16.32 -24.80
CA SER A 40 4.40 -16.03 -25.13
C SER A 40 5.31 -17.23 -25.12
N VAL A 41 5.11 -18.17 -24.21
CA VAL A 41 6.02 -19.30 -24.15
C VAL A 41 5.75 -20.25 -25.29
N PHE A 42 4.47 -20.58 -25.46
CA PHE A 42 4.00 -21.35 -26.54
C PHE A 42 4.60 -20.79 -27.87
N LEU A 43 4.44 -19.47 -28.10
CA LEU A 43 4.76 -18.84 -29.39
C LEU A 43 6.29 -18.68 -29.59
N ASN A 44 7.06 -18.95 -28.56
CA ASN A 44 8.49 -18.82 -28.65
C ASN A 44 9.25 -20.13 -28.34
N THR A 45 8.64 -21.29 -28.56
CA THR A 45 9.33 -22.57 -28.34
C THR A 45 9.05 -23.48 -29.54
N ASP A 46 9.75 -24.62 -29.66
CA ASP A 46 9.36 -25.54 -30.73
C ASP A 46 9.06 -26.91 -30.17
N PHE A 47 8.00 -27.03 -29.38
CA PHE A 47 7.58 -28.33 -28.93
C PHE A 47 6.82 -29.02 -30.02
N SER A 48 6.93 -30.32 -30.06
CA SER A 48 6.18 -31.06 -31.01
C SER A 48 4.66 -30.90 -30.80
N ARG A 49 4.23 -30.82 -29.54
CA ARG A 49 2.80 -30.73 -29.18
C ARG A 49 2.60 -29.76 -27.98
N TYR A 50 1.37 -29.27 -27.79
CA TYR A 50 1.05 -28.35 -26.70
C TYR A 50 -0.35 -28.66 -26.09
N ILE A 51 -0.41 -28.57 -24.78
CA ILE A 51 -1.68 -28.61 -24.06
C ILE A 51 -1.74 -27.31 -23.35
N LEU A 52 -2.78 -26.53 -23.65
CA LEU A 52 -2.81 -25.16 -23.20
C LEU A 52 -4.16 -24.83 -22.55
N ALA A 53 -4.08 -24.30 -21.32
CA ALA A 53 -5.28 -24.21 -20.52
C ALA A 53 -5.34 -22.89 -19.72
N ASP A 54 -6.58 -22.47 -19.35
CA ASP A 54 -6.79 -21.20 -18.61
C ASP A 54 -8.23 -21.24 -18.07
N ILE A 55 -8.43 -20.62 -16.91
CA ILE A 55 -9.77 -20.53 -16.37
C ILE A 55 -10.62 -19.56 -17.19
N ASN A 56 -10.02 -18.68 -17.99
CA ASN A 56 -10.82 -17.63 -18.64
C ASN A 56 -11.51 -18.18 -19.88
N SER A 57 -12.83 -18.19 -19.90
CA SER A 57 -13.48 -18.95 -20.95
C SER A 57 -13.61 -18.10 -22.24
N ASP A 58 -13.62 -16.78 -22.10
CA ASP A 58 -13.59 -15.88 -23.29
C ASP A 58 -12.25 -16.08 -24.02
N LEU A 59 -11.16 -16.22 -23.26
CA LEU A 59 -9.84 -16.45 -23.86
C LEU A 59 -9.77 -17.75 -24.62
N ILE A 60 -10.25 -18.84 -23.99
CA ILE A 60 -10.03 -20.16 -24.61
C ILE A 60 -10.90 -20.32 -25.80
N SER A 61 -12.05 -19.71 -25.74
CA SER A 61 -13.03 -19.88 -26.80
C SER A 61 -12.52 -19.13 -28.08
N LEU A 62 -12.01 -17.89 -27.88
CA LEU A 62 -11.20 -17.13 -28.87
C LEU A 62 -10.10 -18.01 -29.49
N TYR A 63 -9.29 -18.60 -28.64
CA TYR A 63 -8.16 -19.39 -29.17
C TYR A 63 -8.63 -20.56 -30.07
N ASN A 64 -9.77 -21.18 -29.72
CA ASN A 64 -10.21 -22.30 -30.49
C ASN A 64 -10.65 -21.84 -31.86
N ILE A 65 -11.28 -20.68 -31.93
CA ILE A 65 -11.79 -20.13 -33.14
C ILE A 65 -10.65 -19.63 -34.07
N VAL A 66 -9.62 -18.99 -33.51
CA VAL A 66 -8.46 -18.57 -34.26
C VAL A 66 -7.82 -19.82 -34.88
N LYS A 67 -7.76 -20.90 -34.12
CA LYS A 67 -7.26 -22.18 -34.61
C LYS A 67 -8.10 -22.84 -35.72
N MET A 68 -9.43 -22.84 -35.61
CA MET A 68 -10.25 -23.60 -36.57
C MET A 68 -10.86 -22.76 -37.66
N ARG A 69 -10.98 -21.45 -37.46
CA ARG A 69 -11.68 -20.62 -38.47
C ARG A 69 -10.84 -19.39 -38.86
N THR A 70 -9.56 -19.61 -39.12
CA THR A 70 -8.63 -18.49 -39.20
C THR A 70 -9.05 -17.37 -40.11
N ASP A 71 -9.23 -17.63 -41.43
CA ASP A 71 -9.54 -16.52 -42.41
C ASP A 71 -10.86 -15.82 -42.12
N GLU A 72 -11.89 -16.63 -41.87
CA GLU A 72 -13.20 -16.14 -41.48
C GLU A 72 -13.03 -15.16 -40.26
N TYR A 73 -12.22 -15.58 -39.29
CA TYR A 73 -12.09 -14.74 -38.08
C TYR A 73 -11.45 -13.40 -38.39
N VAL A 74 -10.28 -13.50 -39.01
CA VAL A 74 -9.45 -12.33 -39.33
C VAL A 74 -10.26 -11.34 -40.15
N GLN A 75 -11.09 -11.84 -41.05
CA GLN A 75 -11.83 -10.93 -41.86
C GLN A 75 -12.90 -10.24 -41.04
N ALA A 76 -13.63 -10.99 -40.21
CA ALA A 76 -14.69 -10.40 -39.32
C ALA A 76 -14.09 -9.39 -38.35
N ALA A 77 -12.88 -9.66 -37.88
CA ALA A 77 -12.30 -8.80 -36.83
C ALA A 77 -11.71 -7.53 -37.42
N ARG A 78 -11.28 -7.60 -38.69
CA ARG A 78 -10.56 -6.44 -39.31
C ARG A 78 -11.60 -5.31 -39.43
N GLU A 79 -12.84 -5.66 -39.75
CA GLU A 79 -13.91 -4.66 -39.85
C GLU A 79 -14.08 -3.73 -38.66
N LEU A 80 -13.88 -4.27 -37.45
CA LEU A 80 -13.95 -3.47 -36.25
C LEU A 80 -12.75 -2.51 -36.07
N PHE A 81 -11.69 -2.68 -36.84
CA PHE A 81 -10.54 -1.78 -36.73
C PHE A 81 -10.58 -0.59 -37.69
N VAL A 82 -11.73 -0.32 -38.31
CA VAL A 82 -11.78 0.87 -39.16
C VAL A 82 -11.93 2.14 -38.32
N PRO A 83 -11.45 3.28 -38.84
CA PRO A 83 -11.45 4.49 -38.00
C PRO A 83 -12.88 4.96 -37.51
N GLU A 84 -13.95 4.50 -38.16
CA GLU A 84 -15.34 4.80 -37.68
C GLU A 84 -15.67 4.23 -36.25
N THR A 85 -14.83 3.36 -35.71
CA THR A 85 -15.07 2.65 -34.48
C THR A 85 -14.25 3.24 -33.37
N ASN A 86 -13.50 4.29 -33.65
CA ASN A 86 -12.51 4.76 -32.63
C ASN A 86 -13.00 5.99 -31.93
N CYS A 87 -14.16 5.81 -31.29
CA CYS A 87 -14.70 6.81 -30.37
C CYS A 87 -15.44 6.11 -29.19
N ALA A 88 -15.60 6.87 -28.09
CA ALA A 88 -16.35 6.45 -26.90
C ALA A 88 -17.71 5.89 -27.27
N GLU A 89 -18.42 6.52 -28.19
CA GLU A 89 -19.78 6.05 -28.50
C GLU A 89 -19.76 4.61 -29.00
N VAL A 90 -18.80 4.29 -29.86
CA VAL A 90 -18.78 2.98 -30.41
C VAL A 90 -18.16 1.97 -29.44
N TYR A 91 -17.26 2.40 -28.59
CA TYR A 91 -16.69 1.46 -27.65
C TYR A 91 -17.77 0.92 -26.68
N TYR A 92 -18.52 1.82 -26.07
CA TYR A 92 -19.57 1.38 -25.15
C TYR A 92 -20.67 0.58 -25.86
N GLN A 93 -21.00 0.89 -27.11
CA GLN A 93 -22.03 0.09 -27.80
C GLN A 93 -21.57 -1.34 -28.07
N PHE A 94 -20.28 -1.50 -28.42
CA PHE A 94 -19.72 -2.79 -28.73
C PHE A 94 -19.51 -3.58 -27.41
N ARG A 95 -19.06 -2.88 -26.36
CA ARG A 95 -18.97 -3.52 -25.05
C ARG A 95 -20.39 -4.10 -24.63
N GLU A 96 -21.39 -3.27 -24.72
CA GLU A 96 -22.73 -3.77 -24.44
C GLU A 96 -23.11 -4.93 -25.37
N GLU A 97 -22.82 -4.84 -26.67
CA GLU A 97 -23.16 -5.94 -27.57
C GLU A 97 -22.45 -7.21 -27.16
N PHE A 98 -21.21 -7.10 -26.67
CA PHE A 98 -20.51 -8.32 -26.30
C PHE A 98 -21.17 -8.93 -25.01
N ASN A 99 -21.33 -8.13 -23.99
CA ASN A 99 -22.02 -8.58 -22.77
C ASN A 99 -23.39 -9.24 -23.01
N LYS A 100 -24.13 -8.83 -24.05
CA LYS A 100 -25.48 -9.42 -24.35
C LYS A 100 -25.52 -10.54 -25.37
N SER A 101 -24.38 -10.95 -25.87
CA SER A 101 -24.41 -11.88 -26.99
C SER A 101 -24.22 -13.33 -26.56
N GLN A 102 -24.84 -14.23 -27.30
CA GLN A 102 -24.75 -15.59 -26.90
C GLN A 102 -23.99 -16.34 -28.00
N ASP A 103 -23.38 -15.58 -28.90
CA ASP A 103 -22.75 -16.23 -30.00
C ASP A 103 -21.16 -16.29 -29.86
N PRO A 104 -20.58 -17.50 -29.78
CA PRO A 104 -19.16 -17.50 -29.50
C PRO A 104 -18.34 -16.77 -30.57
N PHE A 105 -18.70 -16.91 -31.84
CA PHE A 105 -17.95 -16.26 -32.92
C PHE A 105 -18.03 -14.70 -32.83
N ARG A 106 -19.22 -14.14 -32.80
CA ARG A 106 -19.33 -12.67 -32.61
C ARG A 106 -18.61 -12.11 -31.32
N ARG A 107 -18.78 -12.81 -30.19
CA ARG A 107 -18.05 -12.49 -28.94
C ARG A 107 -16.51 -12.56 -29.14
N ALA A 108 -16.01 -13.52 -29.93
CA ALA A 108 -14.57 -13.62 -30.14
C ALA A 108 -14.08 -12.40 -30.99
N VAL A 109 -14.98 -11.88 -31.85
CA VAL A 109 -14.68 -10.81 -32.72
C VAL A 109 -14.60 -9.55 -31.91
N LEU A 110 -15.67 -9.30 -31.10
CA LEU A 110 -15.69 -8.14 -30.17
C LEU A 110 -14.59 -8.15 -29.12
N PHE A 111 -14.22 -9.31 -28.63
CA PHE A 111 -13.21 -9.41 -27.58
C PHE A 111 -11.84 -8.82 -28.02
N LEU A 112 -11.48 -9.04 -29.30
CA LEU A 112 -10.23 -8.41 -29.86
C LEU A 112 -10.34 -6.91 -29.95
N TYR A 113 -11.49 -6.45 -30.38
CA TYR A 113 -11.74 -4.97 -30.35
C TYR A 113 -11.57 -4.40 -28.93
N LEU A 114 -12.14 -5.12 -27.94
CA LEU A 114 -12.17 -4.61 -26.53
C LEU A 114 -10.74 -4.73 -26.00
N ASN A 115 -10.07 -5.84 -26.30
CA ASN A 115 -8.63 -5.93 -25.91
C ASN A 115 -7.79 -4.77 -26.39
N ARG A 116 -8.08 -4.22 -27.59
CA ARG A 116 -7.09 -3.25 -28.23
C ARG A 116 -7.45 -1.76 -28.13
N TYR A 117 -8.74 -1.53 -27.95
CA TYR A 117 -9.32 -0.22 -27.69
C TYR A 117 -9.69 0.11 -26.19
N GLY A 118 -9.63 -0.89 -25.29
CA GLY A 118 -9.95 -0.65 -23.90
C GLY A 118 -8.75 -0.20 -23.09
N TYR A 119 -9.07 0.37 -21.92
CA TYR A 119 -8.10 1.01 -21.01
C TYR A 119 -7.02 0.08 -20.61
N ASN A 120 -5.77 0.49 -20.84
CA ASN A 120 -4.57 -0.31 -20.58
C ASN A 120 -4.65 -1.76 -20.95
N GLY A 121 -5.42 -2.17 -21.92
CA GLY A 121 -5.32 -3.58 -22.27
C GLY A 121 -5.91 -4.56 -21.28
N LEU A 122 -6.60 -4.02 -20.25
CA LEU A 122 -7.10 -4.89 -19.20
C LEU A 122 -8.20 -5.84 -19.66
N CYS A 123 -8.31 -6.97 -19.00
CA CYS A 123 -9.49 -7.83 -19.12
C CYS A 123 -10.07 -7.99 -17.72
N ARG A 124 -11.21 -7.37 -17.45
CA ARG A 124 -11.83 -7.37 -16.11
C ARG A 124 -13.35 -7.49 -16.20
N TYR A 125 -13.99 -8.07 -15.18
CA TYR A 125 -15.46 -8.26 -15.20
C TYR A 125 -16.08 -7.73 -13.86
N ASN A 126 -17.28 -7.16 -13.89
CA ASN A 126 -17.93 -6.75 -12.65
C ASN A 126 -18.67 -7.93 -11.84
N LEU A 127 -19.35 -7.63 -10.74
CA LEU A 127 -19.96 -8.75 -9.89
C LEU A 127 -21.13 -9.41 -10.61
N ARG A 128 -21.61 -8.72 -11.63
CA ARG A 128 -22.56 -9.31 -12.52
C ARG A 128 -21.98 -10.25 -13.56
N GLY A 129 -20.65 -10.48 -13.63
CA GLY A 129 -20.07 -11.29 -14.75
C GLY A 129 -19.84 -10.49 -16.08
N GLU A 130 -20.28 -9.20 -16.13
CA GLU A 130 -20.13 -8.36 -17.32
C GLU A 130 -18.73 -7.72 -17.50
N PHE A 131 -18.22 -7.77 -18.73
CA PHE A 131 -16.96 -7.12 -19.10
C PHE A 131 -17.10 -5.62 -18.83
N ASN A 132 -16.20 -5.08 -18.02
CA ASN A 132 -16.36 -3.72 -17.55
C ASN A 132 -15.16 -2.77 -17.72
N VAL A 133 -14.23 -3.05 -18.64
CA VAL A 133 -13.10 -2.13 -18.84
C VAL A 133 -13.60 -0.92 -19.59
N PRO A 134 -13.31 0.30 -19.11
CA PRO A 134 -13.76 1.46 -19.92
C PRO A 134 -12.90 1.76 -21.17
N PHE A 135 -13.33 2.80 -21.93
CA PHE A 135 -12.68 3.27 -23.18
C PHE A 135 -11.24 3.74 -22.97
N GLY A 136 -10.32 3.24 -23.80
CA GLY A 136 -8.90 3.49 -23.61
C GLY A 136 -8.41 4.79 -24.25
N ARG A 137 -9.23 5.44 -25.09
CA ARG A 137 -8.76 6.67 -25.78
C ARG A 137 -7.36 6.56 -26.53
N TYR A 138 -7.04 5.41 -27.13
CA TYR A 138 -5.74 5.30 -27.86
C TYR A 138 -5.81 5.99 -29.25
N LYS A 139 -4.72 6.66 -29.63
CA LYS A 139 -4.61 7.33 -30.96
C LYS A 139 -4.87 6.40 -32.15
N LYS A 140 -4.25 5.22 -32.20
CA LYS A 140 -4.34 4.38 -33.43
C LYS A 140 -3.94 2.96 -33.05
N PRO A 141 -4.92 2.19 -32.60
CA PRO A 141 -4.63 0.82 -32.18
C PRO A 141 -4.31 -0.01 -33.38
N TYR A 142 -3.47 -0.98 -33.11
CA TYR A 142 -2.85 -1.82 -34.08
C TYR A 142 -3.72 -3.05 -34.29
N PHE A 143 -3.96 -3.43 -35.54
CA PHE A 143 -4.68 -4.67 -35.83
C PHE A 143 -3.60 -5.77 -35.97
N PRO A 144 -3.63 -6.80 -35.07
CA PRO A 144 -2.53 -7.77 -34.99
C PRO A 144 -2.61 -8.92 -36.01
N GLU A 145 -2.80 -8.57 -37.28
CA GLU A 145 -3.01 -9.58 -38.36
C GLU A 145 -1.86 -10.58 -38.47
N ALA A 146 -0.59 -10.12 -38.49
CA ALA A 146 0.53 -11.09 -38.61
C ALA A 146 0.56 -12.00 -37.40
N GLU A 147 0.49 -11.42 -36.19
CA GLU A 147 0.42 -12.21 -34.97
C GLU A 147 -0.76 -13.18 -34.99
N LEU A 148 -1.91 -12.75 -35.46
CA LEU A 148 -3.02 -13.71 -35.60
C LEU A 148 -2.63 -14.93 -36.45
N TYR A 149 -2.07 -14.71 -37.65
CA TYR A 149 -1.82 -15.87 -38.52
C TYR A 149 -0.77 -16.77 -37.93
N HIS A 150 0.23 -16.19 -37.26
CA HIS A 150 1.29 -16.98 -36.69
C HIS A 150 0.71 -17.79 -35.51
N PHE A 151 -0.14 -17.15 -34.71
CA PHE A 151 -0.74 -17.86 -33.61
C PHE A 151 -1.46 -19.13 -34.15
N ALA A 152 -2.23 -18.94 -35.21
CA ALA A 152 -2.92 -20.07 -35.88
C ALA A 152 -2.01 -21.13 -36.53
N GLU A 153 -0.87 -20.76 -37.15
CA GLU A 153 -0.05 -21.84 -37.74
C GLU A 153 0.40 -22.69 -36.54
N LYS A 154 0.81 -22.03 -35.48
CA LYS A 154 1.29 -22.74 -34.33
C LYS A 154 0.19 -23.54 -33.57
N ALA A 155 -1.03 -23.00 -33.53
CA ALA A 155 -2.15 -23.66 -32.83
C ALA A 155 -2.47 -25.03 -33.45
N GLN A 156 -1.82 -25.37 -34.58
CA GLN A 156 -2.26 -26.56 -35.37
C GLN A 156 -1.79 -27.78 -34.60
N ASN A 157 -0.90 -27.51 -33.65
CA ASN A 157 -0.28 -28.54 -32.85
C ASN A 157 -0.60 -28.37 -31.37
N ALA A 158 -1.66 -27.64 -31.09
CA ALA A 158 -2.00 -27.34 -29.70
C ALA A 158 -3.45 -27.78 -29.51
N PHE A 159 -3.84 -28.12 -28.26
CA PHE A 159 -5.24 -28.29 -27.95
C PHE A 159 -5.48 -27.29 -26.87
N PHE A 160 -6.67 -26.70 -26.80
CA PHE A 160 -6.98 -25.66 -25.80
C PHE A 160 -8.11 -26.07 -24.89
N TYR A 161 -7.89 -25.83 -23.60
CA TYR A 161 -8.80 -26.28 -22.58
C TYR A 161 -9.22 -25.18 -21.66
N CYS A 162 -10.52 -25.08 -21.40
CA CYS A 162 -10.98 -24.17 -20.34
C CYS A 162 -11.25 -24.91 -19.02
N GLU A 163 -10.31 -24.80 -18.08
CA GLU A 163 -10.28 -25.67 -16.90
C GLU A 163 -9.23 -25.18 -15.88
N SER A 164 -9.47 -25.42 -14.59
CA SER A 164 -8.53 -25.04 -13.50
C SER A 164 -7.19 -25.78 -13.64
N TYR A 165 -6.14 -25.22 -13.03
CA TYR A 165 -4.78 -25.80 -13.12
C TYR A 165 -4.70 -27.28 -12.74
N ALA A 166 -5.50 -27.73 -11.79
CA ALA A 166 -5.41 -29.15 -11.42
C ALA A 166 -5.82 -30.12 -12.50
N ASP A 167 -6.89 -29.80 -13.23
CA ASP A 167 -7.28 -30.64 -14.38
C ASP A 167 -6.25 -30.62 -15.53
N SER A 168 -5.60 -29.50 -15.78
CA SER A 168 -4.70 -29.45 -16.94
C SER A 168 -3.38 -30.18 -16.64
N MET A 169 -2.85 -29.95 -15.44
CA MET A 169 -1.71 -30.72 -14.93
C MET A 169 -1.97 -32.22 -14.87
N ALA A 170 -3.17 -32.66 -14.57
CA ALA A 170 -3.45 -34.11 -14.68
C ALA A 170 -3.32 -34.65 -16.10
N ARG A 171 -3.15 -33.81 -17.13
CA ARG A 171 -3.06 -34.37 -18.50
C ARG A 171 -1.62 -34.64 -18.89
N ALA A 172 -0.67 -34.15 -18.10
CA ALA A 172 0.74 -34.37 -18.42
C ALA A 172 1.03 -35.88 -18.37
N ASP A 173 2.00 -36.33 -19.18
CA ASP A 173 2.55 -37.69 -19.06
C ASP A 173 4.08 -37.69 -19.16
N ASP A 174 4.65 -38.88 -19.34
CA ASP A 174 6.09 -39.14 -19.32
C ASP A 174 6.82 -38.33 -20.39
N ALA A 175 6.16 -38.14 -21.53
CA ALA A 175 6.65 -37.29 -22.63
C ALA A 175 6.41 -35.77 -22.51
N SER A 176 5.85 -35.27 -21.40
CA SER A 176 5.54 -33.84 -21.23
C SER A 176 6.49 -33.04 -20.37
N VAL A 177 6.40 -31.73 -20.51
CA VAL A 177 6.93 -30.81 -19.55
C VAL A 177 5.84 -29.82 -19.09
N VAL A 178 5.95 -29.37 -17.86
CA VAL A 178 5.01 -28.37 -17.40
C VAL A 178 5.66 -27.06 -17.04
N TYR A 179 5.18 -26.00 -17.72
CA TYR A 179 5.48 -24.61 -17.34
C TYR A 179 4.28 -23.83 -16.72
N CYS A 180 4.48 -23.24 -15.53
CA CYS A 180 3.37 -22.66 -14.77
C CYS A 180 3.66 -21.22 -14.56
N ASP A 181 2.67 -20.36 -14.84
CA ASP A 181 2.82 -18.91 -14.70
C ASP A 181 1.60 -18.39 -13.92
N PRO A 182 1.46 -18.79 -12.61
CA PRO A 182 0.26 -18.44 -11.81
C PRO A 182 0.10 -16.93 -11.73
N PRO A 183 -1.13 -16.42 -11.43
CA PRO A 183 -1.23 -15.04 -10.90
C PRO A 183 -0.19 -14.86 -9.79
N TYR A 184 0.56 -13.78 -9.90
CA TYR A 184 1.63 -13.45 -8.97
C TYR A 184 1.25 -13.54 -7.46
N ALA A 185 2.17 -14.10 -6.65
CA ALA A 185 2.13 -13.89 -5.18
C ALA A 185 2.15 -12.40 -4.75
N PRO A 186 1.52 -12.08 -3.60
CA PRO A 186 1.48 -10.69 -3.08
C PRO A 186 2.86 -10.09 -2.80
N LEU A 187 3.02 -8.81 -3.09
CA LEU A 187 4.07 -7.97 -2.46
C LEU A 187 3.57 -7.26 -1.17
N ASN A 199 -12.93 -12.67 -6.43
CA ASN A 199 -12.72 -14.09 -6.72
C ASN A 199 -11.23 -14.42 -7.11
N SER A 200 -10.29 -13.69 -6.46
CA SER A 200 -8.82 -13.85 -6.61
C SER A 200 -8.33 -15.32 -6.57
N PHE A 201 -7.09 -15.54 -7.04
CA PHE A 201 -6.33 -16.79 -6.88
C PHE A 201 -5.77 -16.78 -5.45
N THR A 202 -6.13 -17.75 -4.61
CA THR A 202 -5.81 -17.64 -3.14
C THR A 202 -4.51 -18.30 -2.70
N LEU A 203 -3.92 -17.84 -1.59
CA LEU A 203 -2.71 -18.51 -1.03
C LEU A 203 -2.86 -20.03 -0.94
N GLU A 204 -4.05 -20.53 -0.63
CA GLU A 204 -4.27 -21.99 -0.60
C GLU A 204 -4.03 -22.62 -1.99
N GLN A 205 -4.49 -21.90 -3.04
CA GLN A 205 -4.25 -22.30 -4.41
C GLN A 205 -2.75 -22.22 -4.76
N GLN A 206 -2.03 -21.20 -4.30
CA GLN A 206 -0.60 -21.09 -4.59
C GLN A 206 0.12 -22.27 -4.00
N ALA A 207 -0.16 -22.60 -2.73
CA ALA A 207 0.45 -23.78 -2.10
C ALA A 207 0.09 -25.04 -2.81
N HIS A 208 -1.18 -25.13 -3.20
CA HIS A 208 -1.65 -26.40 -3.85
C HIS A 208 -0.89 -26.72 -5.16
N LEU A 209 -0.61 -25.69 -5.97
CA LEU A 209 0.21 -25.80 -7.22
C LEU A 209 1.59 -26.45 -6.98
N ALA A 210 2.32 -25.99 -5.96
CA ALA A 210 3.60 -26.65 -5.52
C ALA A 210 3.40 -28.14 -5.23
N GLU A 211 2.32 -28.44 -4.53
CA GLU A 211 2.05 -29.82 -4.17
C GLU A 211 1.78 -30.64 -5.42
N ILE A 212 1.10 -30.06 -6.41
CA ILE A 212 0.91 -30.81 -7.66
C ILE A 212 2.26 -31.03 -8.37
N ALA A 213 3.15 -30.03 -8.32
CA ALA A 213 4.45 -30.14 -8.96
C ALA A 213 5.24 -31.25 -8.34
N GLU A 214 5.23 -31.31 -7.01
CA GLU A 214 5.93 -32.39 -6.26
C GLU A 214 5.47 -33.76 -6.67
N GLY A 215 4.16 -33.96 -6.85
CA GLY A 215 3.63 -35.28 -7.27
C GLY A 215 3.94 -35.57 -8.73
N LEU A 216 4.08 -34.52 -9.55
CA LEU A 216 4.47 -34.75 -10.96
C LEU A 216 5.93 -35.13 -11.11
N VAL A 217 6.80 -34.46 -10.37
CA VAL A 217 8.23 -34.72 -10.53
C VAL A 217 8.61 -36.14 -10.07
N GLU A 218 7.85 -36.68 -9.13
CA GLU A 218 8.14 -38.00 -8.63
C GLU A 218 7.61 -39.03 -9.61
N ARG A 219 6.75 -38.58 -10.53
CA ARG A 219 6.44 -39.43 -11.67
C ARG A 219 7.38 -39.15 -12.84
N HIS A 220 8.46 -38.44 -12.56
CA HIS A 220 9.47 -38.13 -13.60
C HIS A 220 8.97 -37.15 -14.70
N ILE A 221 8.01 -36.28 -14.35
CA ILE A 221 7.45 -35.31 -15.27
C ILE A 221 7.99 -33.99 -14.79
N PRO A 222 8.77 -33.26 -15.63
CA PRO A 222 9.38 -32.01 -15.08
C PRO A 222 8.43 -30.79 -15.04
N VAL A 223 8.66 -29.88 -14.11
CA VAL A 223 7.82 -28.72 -13.95
C VAL A 223 8.69 -27.50 -13.70
N LEU A 224 8.36 -26.36 -14.29
CA LEU A 224 9.07 -25.08 -14.02
C LEU A 224 7.96 -24.12 -13.65
N ILE A 225 8.15 -23.37 -12.56
CA ILE A 225 7.14 -22.41 -12.11
C ILE A 225 7.85 -21.11 -11.97
N SER A 226 7.19 -20.02 -12.33
CA SER A 226 7.77 -18.66 -12.14
C SER A 226 6.85 -17.81 -11.27
N ASN A 227 7.45 -16.93 -10.50
CA ASN A 227 6.69 -16.10 -9.57
C ASN A 227 7.61 -14.95 -9.09
N HIS A 228 7.12 -13.99 -8.30
CA HIS A 228 8.02 -13.04 -7.60
C HIS A 228 8.83 -13.84 -6.60
N ASP A 229 9.90 -13.26 -6.09
CA ASP A 229 10.76 -13.89 -5.07
C ASP A 229 10.36 -13.30 -3.72
N THR A 230 9.72 -14.09 -2.87
CA THR A 230 9.22 -13.60 -1.58
C THR A 230 9.34 -14.70 -0.58
N MET A 231 9.21 -14.34 0.69
CA MET A 231 9.12 -15.33 1.75
C MET A 231 8.18 -16.47 1.42
N LEU A 232 6.98 -16.17 0.91
CA LEU A 232 6.00 -17.26 0.68
C LEU A 232 6.37 -18.10 -0.52
N THR A 233 6.90 -17.46 -1.57
CA THR A 233 7.30 -18.26 -2.73
C THR A 233 8.45 -19.26 -2.44
N ARG A 234 9.48 -18.81 -1.75
CA ARG A 234 10.55 -19.76 -1.34
C ARG A 234 10.01 -20.89 -0.45
N GLU A 235 9.02 -20.54 0.39
CA GLU A 235 8.38 -21.55 1.26
C GLU A 235 7.71 -22.61 0.41
N TRP A 236 6.74 -22.17 -0.39
CA TRP A 236 6.03 -23.05 -1.36
C TRP A 236 6.97 -23.83 -2.19
N TYR A 237 7.97 -23.18 -2.81
CA TYR A 237 8.78 -23.96 -3.77
C TYR A 237 10.04 -24.72 -3.18
N GLN A 238 10.05 -24.93 -1.86
CA GLN A 238 11.26 -25.42 -1.14
C GLN A 238 11.98 -26.63 -1.72
N ARG A 239 11.23 -27.54 -2.32
CA ARG A 239 11.77 -28.83 -2.76
C ARG A 239 12.22 -28.79 -4.23
N ALA A 240 12.23 -27.59 -4.83
CA ALA A 240 12.73 -27.39 -6.17
C ALA A 240 14.09 -26.70 -6.10
N LYS A 241 14.88 -26.75 -7.18
CA LYS A 241 16.08 -25.89 -7.31
C LYS A 241 15.61 -24.50 -7.71
N LEU A 242 16.14 -23.49 -7.06
CA LEU A 242 15.66 -22.17 -7.22
C LEU A 242 16.68 -21.30 -7.95
N HIS A 243 16.23 -20.40 -8.82
CA HIS A 243 17.17 -19.44 -9.39
C HIS A 243 16.49 -18.11 -9.27
N VAL A 244 17.20 -17.10 -8.77
CA VAL A 244 16.67 -15.72 -8.70
C VAL A 244 17.12 -14.93 -9.93
N VAL A 245 16.30 -13.98 -10.38
CA VAL A 245 16.57 -13.17 -11.57
C VAL A 245 16.07 -11.73 -11.35
N LYS A 246 16.77 -10.77 -11.98
CA LYS A 246 16.63 -9.31 -11.66
C LYS A 246 16.45 -8.40 -12.89
N VAL A 261 11.11 -5.65 -9.42
CA VAL A 261 11.27 -6.54 -8.25
C VAL A 261 11.71 -7.92 -8.73
N ASP A 262 12.36 -8.68 -7.83
CA ASP A 262 13.01 -9.94 -8.21
C ASP A 262 12.03 -11.06 -8.63
N GLU A 263 12.44 -11.83 -9.63
CA GLU A 263 11.65 -12.93 -10.08
C GLU A 263 12.32 -14.22 -9.57
N LEU A 264 11.56 -15.31 -9.45
CA LEU A 264 12.10 -16.59 -9.06
C LEU A 264 11.71 -17.65 -10.05
N LEU A 265 12.58 -18.63 -10.25
CA LEU A 265 12.27 -19.77 -11.09
C LEU A 265 12.56 -21.02 -10.32
N ALA A 266 11.59 -21.89 -10.30
CA ALA A 266 11.62 -23.04 -9.47
C ALA A 266 11.52 -24.18 -10.42
N LEU A 267 12.55 -25.02 -10.43
CA LEU A 267 12.61 -26.13 -11.35
C LEU A 267 12.57 -27.50 -10.63
N TYR A 268 11.54 -28.27 -10.95
CA TYR A 268 11.40 -29.61 -10.38
C TYR A 268 11.93 -30.58 -11.45
N LYS A 269 13.24 -30.94 -11.35
CA LYS A 269 13.89 -31.88 -12.30
C LYS A 269 13.92 -33.30 -11.77
N PRO A 270 13.42 -34.27 -12.54
CA PRO A 270 13.55 -35.69 -12.08
C PRO A 270 14.99 -36.16 -11.93
N LYS B 3 31.73 0.85 17.59
CA LYS B 3 30.38 0.46 18.16
C LYS B 3 30.20 -1.07 18.18
N ASN B 4 29.76 -1.59 19.33
CA ASN B 4 29.53 -3.04 19.50
C ASN B 4 28.23 -3.51 18.89
N ARG B 5 28.35 -4.62 18.18
CA ARG B 5 27.31 -5.20 17.34
C ARG B 5 26.63 -6.35 18.08
N ALA B 6 25.35 -6.54 17.75
CA ALA B 6 24.49 -7.56 18.30
C ALA B 6 24.85 -8.84 17.61
N PHE B 7 24.67 -10.01 18.23
CA PHE B 7 25.13 -11.26 17.60
C PHE B 7 24.04 -11.90 16.72
N LEU B 8 22.80 -11.47 16.96
CA LEU B 8 21.64 -11.78 16.09
C LEU B 8 21.42 -10.72 15.03
N LYS B 9 21.02 -11.11 13.83
CA LYS B 9 20.35 -10.17 12.89
C LYS B 9 18.92 -10.00 13.39
N TRP B 10 18.47 -8.77 13.57
CA TRP B 10 17.15 -8.59 14.20
C TRP B 10 16.49 -7.27 13.82
N ALA B 11 15.16 -7.30 13.60
CA ALA B 11 14.39 -6.06 13.23
C ALA B 11 14.77 -4.90 14.15
N GLY B 12 15.35 -3.86 13.57
CA GLY B 12 15.78 -2.68 14.33
C GLY B 12 17.02 -2.84 15.20
N GLY B 13 17.91 -3.79 14.88
CA GLY B 13 19.33 -3.77 15.29
C GLY B 13 19.79 -2.34 14.98
N LYS B 14 19.58 -1.46 15.99
CA LYS B 14 19.26 0.00 15.85
C LYS B 14 20.36 0.93 15.33
N TYR B 15 21.24 0.37 14.51
CA TYR B 15 22.55 0.95 14.22
C TYR B 15 22.58 2.49 14.00
N PRO B 16 21.77 3.01 13.05
CA PRO B 16 21.93 4.45 12.74
C PRO B 16 21.46 5.41 13.88
N LEU B 17 20.47 4.94 14.65
CA LEU B 17 19.86 5.71 15.74
C LEU B 17 20.72 5.87 16.97
N LEU B 18 21.75 5.05 17.12
CA LEU B 18 22.43 4.95 18.40
C LEU B 18 22.99 6.25 19.02
N ASP B 19 23.76 7.01 18.22
CA ASP B 19 24.32 8.31 18.70
C ASP B 19 23.22 9.27 19.21
N ASP B 20 22.07 9.26 18.52
CA ASP B 20 20.89 10.02 18.90
C ASP B 20 20.27 9.56 20.22
N ILE B 21 19.96 8.25 20.29
CA ILE B 21 19.46 7.64 21.55
C ILE B 21 20.38 7.99 22.71
N LYS B 22 21.68 7.81 22.55
CA LYS B 22 22.61 8.22 23.63
C LYS B 22 22.58 9.72 23.90
N ARG B 23 22.43 10.58 22.88
CA ARG B 23 22.32 12.02 23.16
C ARG B 23 21.23 12.26 24.19
N HIS B 24 20.07 11.66 23.97
CA HIS B 24 18.89 11.99 24.76
C HIS B 24 18.59 11.11 25.96
N LEU B 25 19.30 9.98 26.08
CA LEU B 25 19.05 9.00 27.16
C LEU B 25 19.66 9.42 28.53
N PRO B 26 18.85 9.60 29.58
CA PRO B 26 19.42 10.06 30.84
C PRO B 26 20.34 9.04 31.55
N LYS B 27 20.80 9.43 32.74
CA LYS B 27 21.74 8.66 33.53
C LYS B 27 20.98 8.06 34.72
N GLY B 28 21.37 6.84 35.14
CA GLY B 28 20.93 6.28 36.43
C GLY B 28 21.69 5.00 36.70
N GLU B 29 21.33 4.32 37.79
CA GLU B 29 21.95 3.02 38.11
C GLU B 29 21.54 1.84 37.18
N CYS B 30 20.28 1.83 36.74
CA CYS B 30 19.74 0.67 36.03
C CYS B 30 19.08 1.10 34.72
N LEU B 31 19.29 0.35 33.65
CA LEU B 31 18.52 0.58 32.45
C LEU B 31 17.43 -0.52 32.32
N VAL B 32 16.18 -0.11 32.06
CA VAL B 32 15.08 -1.13 31.81
C VAL B 32 14.67 -1.09 30.37
N GLU B 33 14.79 -2.19 29.66
CA GLU B 33 14.34 -2.25 28.27
C GLU B 33 13.17 -3.21 28.16
N PRO B 34 11.97 -2.72 27.93
CA PRO B 34 10.80 -3.61 27.81
C PRO B 34 10.72 -4.31 26.49
N PHE B 35 11.47 -3.84 25.47
CA PHE B 35 11.42 -4.37 24.10
C PHE B 35 12.89 -4.55 23.64
N VAL B 36 13.68 -5.36 24.37
CA VAL B 36 15.14 -5.43 24.16
C VAL B 36 15.48 -5.88 22.74
N GLY B 37 14.71 -6.82 22.21
CA GLY B 37 15.10 -7.38 20.90
C GLY B 37 16.61 -7.76 20.85
N ALA B 38 17.34 -7.09 19.99
CA ALA B 38 18.69 -7.52 19.64
C ALA B 38 19.75 -6.97 20.60
N GLY B 39 19.41 -5.97 21.38
CA GLY B 39 20.27 -5.60 22.45
C GLY B 39 21.22 -4.46 22.20
N SER B 40 21.14 -3.81 21.03
CA SER B 40 22.01 -2.66 20.73
C SER B 40 22.18 -1.59 21.77
N VAL B 41 21.13 -1.19 22.50
CA VAL B 41 21.35 -0.11 23.45
C VAL B 41 22.07 -0.69 24.69
N PHE B 42 21.54 -1.82 25.18
CA PHE B 42 22.24 -2.64 26.20
C PHE B 42 23.76 -2.71 25.86
N LEU B 43 24.07 -3.14 24.65
CA LEU B 43 25.45 -3.40 24.23
C LEU B 43 26.34 -2.14 24.07
N ASN B 44 25.76 -0.94 23.99
CA ASN B 44 26.55 0.27 23.73
C ASN B 44 26.26 1.33 24.76
N THR B 45 26.07 0.88 26.00
CA THR B 45 25.99 1.82 27.08
C THR B 45 26.74 1.26 28.24
N ASP B 46 26.76 2.00 29.33
CA ASP B 46 27.45 1.58 30.49
C ASP B 46 26.57 1.89 31.66
N PHE B 47 25.56 1.08 31.90
CA PHE B 47 24.82 1.21 33.14
C PHE B 47 25.43 0.19 34.11
N SER B 48 25.42 0.49 35.40
CA SER B 48 25.90 -0.53 36.31
C SER B 48 24.96 -1.77 36.42
N ARG B 49 23.71 -1.67 35.96
CA ARG B 49 22.78 -2.83 35.90
C ARG B 49 21.61 -2.69 34.90
N TYR B 50 21.09 -3.83 34.48
CA TYR B 50 20.15 -3.89 33.41
C TYR B 50 19.01 -4.88 33.72
N ILE B 51 17.80 -4.46 33.38
CA ILE B 51 16.63 -5.35 33.30
C ILE B 51 16.19 -5.40 31.87
N LEU B 52 16.31 -6.57 31.24
CA LEU B 52 16.11 -6.75 29.80
C LEU B 52 14.95 -7.69 29.57
N ALA B 53 13.93 -7.21 28.81
CA ALA B 53 12.63 -7.94 28.64
C ALA B 53 12.10 -7.96 27.23
N ASP B 54 11.32 -9.00 26.91
CA ASP B 54 10.81 -9.20 25.58
C ASP B 54 9.76 -10.28 25.71
N ILE B 55 8.79 -10.34 24.78
CA ILE B 55 7.54 -11.18 24.88
C ILE B 55 7.89 -12.54 24.26
N ASN B 56 8.96 -12.47 23.47
CA ASN B 56 9.35 -13.63 22.66
C ASN B 56 10.18 -14.57 23.55
N SER B 57 9.72 -15.79 23.72
CA SER B 57 10.37 -16.58 24.75
C SER B 57 11.60 -17.33 24.16
N ASP B 58 11.66 -17.60 22.85
CA ASP B 58 12.83 -18.26 22.30
C ASP B 58 14.09 -17.38 22.53
N LEU B 59 13.88 -16.06 22.39
CA LEU B 59 14.87 -15.03 22.50
C LEU B 59 15.44 -14.92 23.88
N ILE B 60 14.54 -14.81 24.85
CA ILE B 60 14.90 -14.78 26.25
C ILE B 60 15.60 -16.08 26.70
N SER B 61 15.20 -17.22 26.14
CA SER B 61 15.72 -18.47 26.62
C SER B 61 17.15 -18.53 26.15
N LEU B 62 17.32 -18.18 24.85
CA LEU B 62 18.61 -17.96 24.21
C LEU B 62 19.54 -17.12 25.08
N TYR B 63 19.07 -15.93 25.43
CA TYR B 63 19.90 -14.97 26.13
C TYR B 63 20.31 -15.52 27.52
N ASN B 64 19.43 -16.27 28.17
CA ASN B 64 19.77 -16.95 29.39
C ASN B 64 20.85 -18.08 29.19
N ILE B 65 20.76 -18.85 28.09
CA ILE B 65 21.74 -19.84 27.71
C ILE B 65 23.08 -19.15 27.49
N VAL B 66 23.10 -18.05 26.77
CA VAL B 66 24.34 -17.37 26.41
C VAL B 66 25.03 -16.79 27.65
N LYS B 67 24.23 -16.33 28.61
CA LYS B 67 24.78 -15.71 29.81
C LYS B 67 25.39 -16.79 30.72
N MET B 68 24.64 -17.89 30.91
CA MET B 68 24.88 -18.79 32.01
C MET B 68 25.65 -20.04 31.51
N ARG B 69 25.53 -20.34 30.21
CA ARG B 69 26.33 -21.43 29.62
C ARG B 69 27.24 -21.02 28.50
N THR B 70 27.94 -19.91 28.68
CA THR B 70 28.73 -19.35 27.59
C THR B 70 29.59 -20.29 26.74
N ASP B 71 30.52 -21.04 27.36
CA ASP B 71 31.46 -21.90 26.56
C ASP B 71 30.84 -23.14 25.97
N GLU B 72 30.03 -23.84 26.74
CA GLU B 72 29.24 -24.94 26.17
C GLU B 72 28.39 -24.48 24.94
N TYR B 73 27.83 -23.27 24.95
CA TYR B 73 27.01 -22.75 23.83
C TYR B 73 27.81 -22.35 22.54
N VAL B 74 28.83 -21.51 22.68
CA VAL B 74 29.66 -21.10 21.52
C VAL B 74 30.17 -22.36 20.83
N GLN B 75 30.58 -23.36 21.60
CA GLN B 75 31.30 -24.48 21.00
C GLN B 75 30.30 -25.27 20.22
N ALA B 76 29.13 -25.52 20.80
CA ALA B 76 28.12 -26.31 20.08
C ALA B 76 27.50 -25.52 18.91
N ALA B 77 27.38 -24.19 19.03
CA ALA B 77 26.77 -23.39 17.95
C ALA B 77 27.69 -23.34 16.74
N ARG B 78 28.98 -23.07 16.96
CA ARG B 78 30.02 -23.05 15.92
C ARG B 78 29.99 -24.19 14.93
N GLU B 79 29.64 -25.38 15.41
CA GLU B 79 29.67 -26.57 14.57
C GLU B 79 28.61 -26.59 13.50
N LEU B 80 27.60 -25.71 13.64
CA LEU B 80 26.52 -25.64 12.66
C LEU B 80 26.94 -24.66 11.55
N PHE B 81 27.89 -23.78 11.83
CA PHE B 81 28.32 -22.82 10.82
C PHE B 81 29.42 -23.31 9.91
N VAL B 82 29.11 -24.35 9.16
CA VAL B 82 30.09 -24.95 8.29
C VAL B 82 29.69 -24.82 6.81
N PRO B 83 30.39 -25.54 5.94
CA PRO B 83 29.80 -25.35 4.63
C PRO B 83 28.80 -26.44 4.33
N GLU B 84 28.96 -27.61 4.95
CA GLU B 84 27.98 -28.68 4.76
C GLU B 84 26.56 -28.24 5.02
N THR B 85 26.37 -27.28 5.94
CA THR B 85 25.02 -26.91 6.44
C THR B 85 24.33 -25.83 5.62
N ASN B 86 25.08 -25.14 4.77
CA ASN B 86 24.52 -24.07 3.95
C ASN B 86 23.81 -24.57 2.71
N CYS B 87 22.70 -25.28 2.91
CA CYS B 87 21.80 -25.71 1.81
C CYS B 87 20.34 -25.99 2.28
N ALA B 88 19.43 -26.20 1.34
CA ALA B 88 18.01 -26.31 1.67
C ALA B 88 17.66 -27.63 2.38
N GLU B 89 18.16 -28.75 1.89
CA GLU B 89 18.00 -30.01 2.60
C GLU B 89 18.38 -29.83 4.09
N VAL B 90 19.53 -29.20 4.38
CA VAL B 90 19.97 -29.11 5.77
C VAL B 90 19.18 -28.05 6.52
N TYR B 91 19.02 -26.87 5.93
CA TYR B 91 18.19 -25.83 6.51
C TYR B 91 16.82 -26.37 6.96
N TYR B 92 16.11 -27.06 6.06
CA TYR B 92 14.75 -27.54 6.37
C TYR B 92 14.78 -28.66 7.41
N GLN B 93 15.88 -29.42 7.42
CA GLN B 93 16.03 -30.50 8.40
C GLN B 93 16.18 -29.93 9.84
N PHE B 94 17.09 -28.96 10.00
CA PHE B 94 17.28 -28.23 11.23
C PHE B 94 16.03 -27.46 11.71
N ARG B 95 15.31 -26.82 10.78
CA ARG B 95 14.12 -26.06 11.14
C ARG B 95 13.07 -26.96 11.75
N GLU B 96 12.83 -28.09 11.11
CA GLU B 96 11.91 -29.08 11.63
C GLU B 96 12.37 -29.63 12.99
N GLU B 97 13.67 -29.89 13.17
CA GLU B 97 14.20 -30.29 14.48
C GLU B 97 13.90 -29.23 15.57
N PHE B 98 14.16 -27.96 15.26
CA PHE B 98 13.95 -26.90 16.19
C PHE B 98 12.46 -27.02 16.58
N ASN B 99 11.59 -27.07 15.60
CA ASN B 99 10.16 -27.03 15.89
C ASN B 99 9.70 -28.25 16.69
N LYS B 100 10.32 -29.42 16.48
CA LYS B 100 9.89 -30.60 17.21
C LYS B 100 10.63 -30.73 18.57
N SER B 101 11.61 -29.86 18.89
CA SER B 101 12.40 -30.10 20.09
C SER B 101 11.84 -29.53 21.42
N GLN B 102 12.11 -30.21 22.55
CA GLN B 102 11.68 -29.73 23.88
C GLN B 102 12.87 -29.39 24.85
N ASP B 103 14.09 -29.41 24.29
CA ASP B 103 15.35 -29.11 24.95
C ASP B 103 15.73 -27.62 24.74
N PRO B 104 15.64 -26.81 25.79
CA PRO B 104 16.05 -25.40 25.65
C PRO B 104 17.43 -25.23 24.99
N PHE B 105 18.40 -26.06 25.37
CA PHE B 105 19.79 -25.83 24.97
C PHE B 105 19.97 -25.96 23.45
N ARG B 106 19.53 -27.09 22.93
CA ARG B 106 19.61 -27.43 21.54
C ARG B 106 18.68 -26.49 20.71
N ARG B 107 17.51 -26.15 21.25
CA ARG B 107 16.74 -25.10 20.61
C ARG B 107 17.52 -23.81 20.44
N ALA B 108 18.30 -23.41 21.44
CA ALA B 108 18.94 -22.11 21.39
C ALA B 108 20.14 -22.08 20.42
N VAL B 109 20.72 -23.26 20.23
CA VAL B 109 21.72 -23.54 19.22
C VAL B 109 21.10 -23.56 17.83
N LEU B 110 20.05 -24.34 17.62
CA LEU B 110 19.42 -24.29 16.31
C LEU B 110 18.97 -22.83 15.95
N PHE B 111 18.43 -22.13 16.94
CA PHE B 111 17.79 -20.86 16.69
C PHE B 111 18.76 -19.79 16.09
N LEU B 112 20.03 -19.85 16.48
CA LEU B 112 21.02 -18.90 15.91
C LEU B 112 21.34 -19.27 14.45
N TYR B 113 21.42 -20.58 14.21
CA TYR B 113 21.66 -21.08 12.88
C TYR B 113 20.55 -20.50 11.99
N LEU B 114 19.28 -20.68 12.41
CA LEU B 114 18.13 -20.19 11.60
C LEU B 114 18.16 -18.66 11.43
N ASN B 115 18.64 -17.95 12.44
CA ASN B 115 18.75 -16.49 12.35
C ASN B 115 19.75 -16.06 11.31
N ARG B 116 20.78 -16.89 11.08
CA ARG B 116 21.90 -16.51 10.19
C ARG B 116 21.82 -17.14 8.81
N TYR B 117 21.07 -18.23 8.65
CA TYR B 117 20.89 -18.93 7.36
C TYR B 117 19.52 -18.66 6.73
N GLY B 118 18.70 -17.91 7.45
CA GLY B 118 17.31 -17.81 7.11
C GLY B 118 17.02 -16.54 6.36
N TYR B 119 15.99 -16.62 5.52
CA TYR B 119 15.49 -15.51 4.75
C TYR B 119 15.47 -14.19 5.51
N ASN B 120 16.26 -13.24 5.02
CA ASN B 120 16.43 -11.91 5.60
C ASN B 120 16.47 -11.80 7.12
N GLY B 121 17.02 -12.84 7.75
CA GLY B 121 17.21 -12.84 9.22
C GLY B 121 15.95 -12.60 9.99
N LEU B 122 14.85 -13.06 9.39
CA LEU B 122 13.53 -12.87 9.94
C LEU B 122 13.27 -13.92 11.08
N CYS B 123 12.51 -13.53 12.10
CA CYS B 123 12.01 -14.44 13.14
C CYS B 123 10.51 -14.45 13.00
N ARG B 124 9.91 -15.49 12.46
CA ARG B 124 8.44 -15.44 12.27
C ARG B 124 7.87 -16.81 12.62
N TYR B 125 6.59 -16.82 13.03
CA TYR B 125 5.92 -18.09 13.31
C TYR B 125 4.56 -18.22 12.55
N ASN B 126 4.20 -19.44 12.20
CA ASN B 126 2.88 -19.61 11.57
C ASN B 126 1.72 -19.72 12.64
N LEU B 127 0.48 -19.93 12.25
CA LEU B 127 -0.66 -20.02 13.21
C LEU B 127 -0.56 -21.25 14.10
N ARG B 128 0.20 -22.25 13.67
CA ARG B 128 0.54 -23.32 14.62
C ARG B 128 1.58 -22.95 15.71
N GLY B 129 2.19 -21.75 15.65
CA GLY B 129 3.32 -21.38 16.54
C GLY B 129 4.66 -22.05 16.17
N GLU B 130 4.75 -22.68 15.01
CA GLU B 130 5.99 -23.20 14.44
C GLU B 130 6.75 -22.13 13.70
N PHE B 131 8.05 -22.05 13.97
CA PHE B 131 8.97 -21.14 13.27
C PHE B 131 8.88 -21.48 11.81
N ASN B 132 8.60 -20.47 10.98
CA ASN B 132 8.31 -20.67 9.50
C ASN B 132 9.12 -19.85 8.51
N VAL B 133 10.14 -19.11 8.95
CA VAL B 133 11.05 -18.43 8.00
C VAL B 133 11.79 -19.42 7.09
N PRO B 134 11.63 -19.29 5.76
CA PRO B 134 12.34 -20.18 4.83
C PRO B 134 13.86 -19.86 4.65
N PHE B 135 14.52 -20.69 3.82
CA PHE B 135 15.98 -20.66 3.57
C PHE B 135 16.40 -19.44 2.77
N GLY B 136 17.43 -18.73 3.25
CA GLY B 136 17.85 -17.46 2.70
C GLY B 136 19.00 -17.46 1.69
N ARG B 137 19.52 -18.63 1.32
CA ARG B 137 20.51 -18.73 0.19
C ARG B 137 21.69 -17.71 0.24
N TYR B 138 22.31 -17.53 1.42
CA TYR B 138 23.42 -16.57 1.61
C TYR B 138 24.74 -17.21 1.16
N LYS B 139 25.72 -16.36 0.81
CA LYS B 139 27.02 -16.83 0.30
C LYS B 139 27.79 -17.62 1.39
N LYS B 140 28.23 -16.92 2.45
CA LYS B 140 28.84 -17.55 3.63
C LYS B 140 28.42 -16.73 4.85
N PRO B 141 27.47 -17.27 5.66
CA PRO B 141 26.99 -16.58 6.87
C PRO B 141 28.05 -16.52 7.94
N TYR B 142 28.15 -15.38 8.60
CA TYR B 142 29.17 -15.07 9.58
C TYR B 142 28.80 -15.62 10.96
N PHE B 143 29.77 -16.17 11.67
CA PHE B 143 29.51 -16.74 12.98
C PHE B 143 29.90 -15.68 13.96
N PRO B 144 28.94 -15.22 14.80
CA PRO B 144 29.21 -14.05 15.62
C PRO B 144 29.96 -14.35 16.92
N GLU B 145 31.09 -15.03 16.81
CA GLU B 145 31.95 -15.36 17.97
C GLU B 145 32.32 -14.21 18.95
N ALA B 146 33.04 -13.18 18.50
CA ALA B 146 33.38 -12.14 19.42
C ALA B 146 32.11 -11.56 20.10
N GLU B 147 31.03 -11.38 19.31
CA GLU B 147 29.83 -10.69 19.77
C GLU B 147 29.14 -11.53 20.83
N LEU B 148 29.15 -12.85 20.64
CA LEU B 148 28.63 -13.75 21.66
C LEU B 148 29.38 -13.58 23.00
N TYR B 149 30.73 -13.66 22.95
CA TYR B 149 31.52 -13.44 24.19
C TYR B 149 31.20 -12.05 24.73
N HIS B 150 31.09 -11.06 23.89
CA HIS B 150 30.83 -9.72 24.44
C HIS B 150 29.44 -9.59 25.10
N PHE B 151 28.42 -10.16 24.50
CA PHE B 151 27.11 -10.22 25.11
C PHE B 151 27.17 -10.91 26.49
N ALA B 152 27.83 -12.06 26.52
CA ALA B 152 27.86 -12.84 27.78
C ALA B 152 28.56 -12.10 28.87
N GLU B 153 29.63 -11.37 28.55
CA GLU B 153 30.41 -10.79 29.64
C GLU B 153 29.50 -9.70 30.16
N LYS B 154 28.88 -9.04 29.21
CA LYS B 154 28.04 -7.90 29.50
C LYS B 154 26.73 -8.27 30.24
N ALA B 155 26.17 -9.44 29.95
CA ALA B 155 25.04 -10.00 30.66
C ALA B 155 25.22 -10.29 32.20
N GLN B 156 26.47 -10.34 32.66
CA GLN B 156 26.70 -10.61 34.09
C GLN B 156 26.02 -9.52 34.92
N ASN B 157 25.79 -8.37 34.29
CA ASN B 157 25.06 -7.29 34.98
C ASN B 157 23.59 -7.11 34.60
N ALA B 158 22.95 -8.22 34.18
CA ALA B 158 21.65 -8.15 33.55
C ALA B 158 20.71 -9.26 33.99
N PHE B 159 19.44 -8.93 34.15
CA PHE B 159 18.39 -9.95 34.24
C PHE B 159 17.50 -9.92 33.02
N PHE B 160 17.21 -11.10 32.48
CA PHE B 160 16.33 -11.24 31.34
C PHE B 160 14.96 -11.79 31.77
N TYR B 161 13.86 -11.14 31.37
CA TYR B 161 12.51 -11.67 31.60
C TYR B 161 11.71 -11.73 30.31
N CYS B 162 10.81 -12.71 30.23
CA CYS B 162 9.93 -12.92 29.11
C CYS B 162 8.54 -12.54 29.63
N GLU B 163 8.12 -11.32 29.30
CA GLU B 163 6.89 -10.71 29.83
C GLU B 163 6.47 -9.43 29.02
N SER B 164 5.26 -8.97 29.18
CA SER B 164 4.81 -7.86 28.33
C SER B 164 5.30 -6.54 28.87
N TYR B 165 5.27 -5.50 28.05
CA TYR B 165 5.91 -4.24 28.40
C TYR B 165 5.40 -3.71 29.74
N ALA B 166 4.10 -3.89 30.03
CA ALA B 166 3.56 -3.44 31.32
C ALA B 166 4.18 -4.10 32.54
N ASP B 167 4.50 -5.37 32.50
CA ASP B 167 5.22 -5.95 33.68
C ASP B 167 6.70 -5.50 33.82
N SER B 168 7.42 -5.36 32.71
CA SER B 168 8.83 -5.01 32.85
C SER B 168 8.89 -3.59 33.35
N MET B 169 8.07 -2.73 32.76
CA MET B 169 8.08 -1.32 33.11
C MET B 169 7.80 -1.15 34.58
N ALA B 170 6.91 -1.97 35.11
CA ALA B 170 6.62 -1.91 36.54
C ALA B 170 7.86 -2.28 37.44
N ARG B 171 8.94 -2.82 36.89
CA ARG B 171 10.01 -3.20 37.77
C ARG B 171 10.92 -2.00 38.01
N ALA B 172 10.66 -0.87 37.35
CA ALA B 172 11.57 0.31 37.42
C ALA B 172 11.37 1.05 38.72
N ASP B 173 12.48 1.49 39.31
CA ASP B 173 12.50 2.33 40.52
C ASP B 173 13.13 3.69 40.33
N ASP B 174 13.28 4.39 41.45
CA ASP B 174 13.92 5.69 41.60
C ASP B 174 15.20 5.73 40.83
N ALA B 175 15.96 4.64 40.93
CA ALA B 175 17.29 4.67 40.39
C ALA B 175 17.33 4.23 38.92
N SER B 176 16.17 3.95 38.32
CA SER B 176 16.12 3.40 36.94
C SER B 176 15.88 4.46 35.87
N VAL B 177 16.11 4.04 34.63
CA VAL B 177 15.79 4.78 33.42
C VAL B 177 15.24 3.74 32.45
N VAL B 178 14.19 4.10 31.71
CA VAL B 178 13.56 3.19 30.78
C VAL B 178 13.70 3.65 29.33
N TYR B 179 14.09 2.75 28.43
CA TYR B 179 14.15 3.08 27.07
C TYR B 179 13.26 2.06 26.38
N CYS B 180 12.23 2.56 25.68
CA CYS B 180 11.29 1.70 24.94
C CYS B 180 11.49 1.73 23.44
N ASP B 181 11.58 0.55 22.81
CA ASP B 181 11.65 0.43 21.35
C ASP B 181 10.54 -0.47 20.86
N PRO B 182 9.29 0.04 20.83
CA PRO B 182 8.17 -0.84 20.48
C PRO B 182 8.23 -1.19 19.03
N PRO B 183 7.45 -2.21 18.61
CA PRO B 183 7.16 -2.39 17.18
C PRO B 183 6.63 -1.07 16.52
N TYR B 184 7.10 -0.82 15.31
CA TYR B 184 6.85 0.42 14.58
C TYR B 184 5.33 0.70 14.40
N ALA B 185 4.93 1.93 14.68
CA ALA B 185 3.68 2.52 14.22
C ALA B 185 3.47 2.35 12.71
N PRO B 186 2.21 2.34 12.26
CA PRO B 186 2.03 2.17 10.78
C PRO B 186 2.56 3.37 9.96
N LEU B 187 3.30 3.07 8.89
CA LEU B 187 3.98 4.09 8.04
C LEU B 187 3.12 4.36 6.78
N SER B 200 -0.03 -9.26 16.25
CA SER B 200 0.64 -7.94 16.01
C SER B 200 0.56 -7.08 17.30
N PHE B 201 1.21 -5.91 17.27
CA PHE B 201 1.14 -4.94 18.35
C PHE B 201 0.11 -3.93 17.93
N THR B 202 -0.87 -3.66 18.81
CA THR B 202 -2.03 -2.92 18.41
C THR B 202 -1.90 -1.47 18.79
N LEU B 203 -2.67 -0.63 18.08
CA LEU B 203 -2.75 0.85 18.32
C LEU B 203 -3.09 1.14 19.76
N GLU B 204 -3.98 0.33 20.32
CA GLU B 204 -4.35 0.46 21.74
C GLU B 204 -3.14 0.21 22.64
N GLN B 205 -2.29 -0.76 22.25
CA GLN B 205 -1.07 -1.03 23.02
C GLN B 205 -0.03 0.14 22.83
N GLN B 206 0.20 0.53 21.57
CA GLN B 206 0.97 1.75 21.27
C GLN B 206 0.60 2.89 22.23
N ALA B 207 -0.70 3.09 22.51
CA ALA B 207 -1.08 4.28 23.32
C ALA B 207 -0.91 3.99 24.77
N HIS B 208 -1.14 2.72 25.10
CA HIS B 208 -1.06 2.27 26.50
C HIS B 208 0.38 2.51 27.03
N LEU B 209 1.34 2.20 26.18
CA LEU B 209 2.74 2.38 26.46
C LEU B 209 2.99 3.79 26.85
N ALA B 210 2.47 4.71 26.06
CA ALA B 210 2.67 6.14 26.32
C ALA B 210 2.00 6.58 27.63
N GLU B 211 0.87 5.96 27.93
CA GLU B 211 0.23 6.24 29.24
C GLU B 211 1.05 5.76 30.42
N ILE B 212 1.61 4.55 30.33
CA ILE B 212 2.55 4.08 31.39
C ILE B 212 3.76 5.05 31.51
N ALA B 213 4.35 5.49 30.38
CA ALA B 213 5.47 6.43 30.44
C ALA B 213 5.12 7.64 31.34
N GLU B 214 3.96 8.26 31.08
CA GLU B 214 3.43 9.38 31.89
C GLU B 214 3.33 9.04 33.39
N GLY B 215 2.94 7.81 33.71
CA GLY B 215 2.96 7.39 35.09
C GLY B 215 4.37 7.27 35.70
N LEU B 216 5.36 6.90 34.88
CA LEU B 216 6.69 6.76 35.42
C LEU B 216 7.27 8.14 35.65
N VAL B 217 7.10 9.05 34.70
CA VAL B 217 7.61 10.40 34.85
C VAL B 217 6.99 11.14 36.11
N GLU B 218 5.68 11.08 36.31
CA GLU B 218 5.10 11.58 37.58
C GLU B 218 5.79 11.00 38.81
N ARG B 219 6.22 9.73 38.75
CA ARG B 219 6.98 9.10 39.89
C ARG B 219 8.47 9.43 39.90
N HIS B 220 8.91 10.34 39.06
CA HIS B 220 10.34 10.71 39.00
C HIS B 220 11.28 9.77 38.26
N ILE B 221 10.70 8.92 37.40
CA ILE B 221 11.44 7.95 36.60
C ILE B 221 11.40 8.33 35.12
N PRO B 222 12.57 8.65 34.55
CA PRO B 222 12.66 9.08 33.14
C PRO B 222 12.38 7.95 32.17
N VAL B 223 11.88 8.27 30.99
CA VAL B 223 11.58 7.28 29.97
C VAL B 223 11.95 7.86 28.60
N LEU B 224 12.53 7.08 27.70
CA LEU B 224 12.73 7.59 26.34
C LEU B 224 12.03 6.63 25.39
N ILE B 225 11.31 7.14 24.40
CA ILE B 225 10.69 6.20 23.44
C ILE B 225 11.13 6.49 22.02
N SER B 226 11.24 5.46 21.17
CA SER B 226 11.55 5.80 19.80
C SER B 226 10.58 5.18 18.84
N ASN B 227 10.33 5.84 17.71
CA ASN B 227 9.29 5.34 16.81
C ASN B 227 9.42 6.13 15.55
N HIS B 228 8.67 5.75 14.51
CA HIS B 228 8.45 6.60 13.32
C HIS B 228 7.80 7.95 13.70
N ASP B 229 8.10 9.02 12.95
CA ASP B 229 7.37 10.35 13.04
C ASP B 229 6.06 10.22 12.29
N THR B 230 4.95 10.30 12.99
CA THR B 230 3.67 10.21 12.26
C THR B 230 2.65 10.99 13.07
N MET B 231 1.47 11.14 12.49
CA MET B 231 0.37 11.79 13.16
C MET B 231 0.12 11.12 14.50
N LEU B 232 0.01 9.80 14.47
CA LEU B 232 -0.30 9.03 15.69
C LEU B 232 0.74 9.05 16.78
N THR B 233 2.03 8.90 16.40
CA THR B 233 3.08 8.95 17.41
C THR B 233 3.13 10.30 18.06
N ARG B 234 2.89 11.35 17.27
CA ARG B 234 2.83 12.70 17.93
C ARG B 234 1.64 12.83 18.88
N GLU B 235 0.50 12.26 18.49
CA GLU B 235 -0.66 12.17 19.36
C GLU B 235 -0.30 11.46 20.66
N TRP B 236 0.20 10.22 20.56
CA TRP B 236 0.52 9.42 21.77
C TRP B 236 1.57 10.10 22.68
N TYR B 237 2.64 10.61 22.09
CA TYR B 237 3.71 11.17 22.92
C TYR B 237 3.59 12.69 23.15
N GLN B 238 2.35 13.22 23.11
CA GLN B 238 2.12 14.68 23.20
C GLN B 238 2.63 15.27 24.50
N ARG B 239 2.89 14.46 25.53
CA ARG B 239 3.44 15.03 26.77
C ARG B 239 4.97 14.97 26.93
N ALA B 240 5.68 14.62 25.88
CA ALA B 240 7.15 14.51 25.96
C ALA B 240 7.91 15.65 25.23
N LYS B 241 9.10 16.01 25.68
CA LYS B 241 9.99 16.76 24.81
C LYS B 241 10.28 15.87 23.57
N LEU B 242 9.91 16.30 22.38
CA LEU B 242 10.03 15.54 21.17
C LEU B 242 11.23 16.01 20.33
N HIS B 243 11.88 15.06 19.64
CA HIS B 243 13.03 15.35 18.82
C HIS B 243 12.93 14.50 17.59
N VAL B 244 12.86 15.15 16.43
CA VAL B 244 12.82 14.50 15.13
C VAL B 244 14.26 14.30 14.61
N VAL B 245 14.57 13.10 14.14
CA VAL B 245 15.90 12.77 13.61
C VAL B 245 15.69 12.39 12.16
N LYS B 246 16.40 13.03 11.24
CA LYS B 246 16.32 12.66 9.82
C LYS B 246 17.07 11.35 9.55
N VAL B 247 16.72 10.66 8.47
CA VAL B 247 17.47 9.46 8.01
C VAL B 247 17.19 9.15 6.52
N LYS B 260 11.86 6.62 3.04
CA LYS B 260 12.50 6.39 4.35
C LYS B 260 12.19 7.57 5.29
N VAL B 261 11.12 7.39 6.08
CA VAL B 261 10.51 8.42 6.93
C VAL B 261 11.42 8.85 8.10
N ASP B 262 11.17 10.04 8.61
CA ASP B 262 11.84 10.47 9.82
C ASP B 262 11.44 9.58 11.01
N GLU B 263 12.30 9.59 12.01
CA GLU B 263 12.11 8.86 13.24
C GLU B 263 12.01 9.85 14.40
N LEU B 264 11.16 9.53 15.38
CA LEU B 264 10.83 10.36 16.51
C LEU B 264 11.39 9.78 17.82
N LEU B 265 11.92 10.66 18.68
CA LEU B 265 12.46 10.32 19.97
C LEU B 265 11.73 11.12 21.00
N ALA B 266 11.26 10.49 22.06
CA ALA B 266 10.30 11.15 22.93
C ALA B 266 10.73 11.01 24.36
N LEU B 267 11.09 12.12 24.98
CA LEU B 267 11.77 12.11 26.24
C LEU B 267 10.85 12.58 27.32
N TYR B 268 10.48 11.70 28.25
CA TYR B 268 9.73 12.11 29.43
C TYR B 268 10.65 12.44 30.63
N LYS B 269 11.02 13.72 30.79
CA LYS B 269 11.93 14.17 31.89
C LYS B 269 11.15 14.74 33.09
N PRO B 270 11.58 14.39 34.30
CA PRO B 270 11.15 14.97 35.61
C PRO B 270 11.44 16.48 35.74
N LYS C 3 -2.34 35.03 -9.03
CA LYS C 3 -3.38 34.06 -8.45
C LYS C 3 -3.72 34.24 -6.94
N ASN C 4 -5.01 34.43 -6.60
CA ASN C 4 -5.41 34.60 -5.18
C ASN C 4 -5.41 33.29 -4.34
N ARG C 5 -4.84 33.32 -3.13
CA ARG C 5 -4.71 32.12 -2.26
C ARG C 5 -5.84 31.94 -1.22
N ALA C 6 -6.08 30.70 -0.86
CA ALA C 6 -7.10 30.41 0.14
C ALA C 6 -6.51 30.78 1.52
N PHE C 7 -7.33 31.20 2.46
CA PHE C 7 -6.77 31.43 3.82
C PHE C 7 -6.57 30.18 4.67
N LEU C 8 -7.06 29.03 4.23
CA LEU C 8 -6.93 27.76 4.99
C LEU C 8 -5.97 26.82 4.23
N LYS C 9 -5.17 26.06 4.96
CA LYS C 9 -4.43 24.92 4.37
C LYS C 9 -5.42 23.80 4.37
N TRP C 10 -5.68 23.26 3.21
CA TRP C 10 -6.83 22.39 3.05
C TRP C 10 -6.59 21.60 1.79
N ALA C 11 -6.77 20.27 1.91
CA ALA C 11 -6.50 19.34 0.83
C ALA C 11 -6.93 19.86 -0.57
N GLY C 12 -5.92 19.83 -1.46
CA GLY C 12 -6.06 20.28 -2.84
C GLY C 12 -6.69 21.66 -2.84
N GLY C 13 -6.12 22.58 -2.09
CA GLY C 13 -6.28 23.98 -2.36
C GLY C 13 -6.00 23.93 -3.81
N LYS C 14 -6.75 23.07 -4.49
CA LYS C 14 -6.63 22.87 -5.94
C LYS C 14 -5.70 23.84 -6.69
N TYR C 15 -4.40 23.61 -6.61
CA TYR C 15 -3.44 24.61 -6.99
C TYR C 15 -2.89 24.62 -8.43
N PRO C 16 -2.28 23.49 -8.87
CA PRO C 16 -1.62 23.44 -10.21
C PRO C 16 -2.61 23.44 -11.38
N LEU C 17 -3.89 23.24 -11.06
CA LEU C 17 -4.91 22.99 -12.05
C LEU C 17 -5.92 24.17 -12.26
N LEU C 18 -5.68 25.33 -11.64
CA LEU C 18 -6.60 26.43 -11.87
C LEU C 18 -6.65 26.82 -13.34
N ASP C 19 -5.51 26.91 -13.98
CA ASP C 19 -5.50 27.31 -15.38
C ASP C 19 -6.38 26.36 -16.18
N ASP C 20 -6.19 25.05 -15.98
CA ASP C 20 -6.91 24.03 -16.74
C ASP C 20 -8.41 23.98 -16.44
N ILE C 21 -8.81 24.24 -15.20
CA ILE C 21 -10.22 24.31 -14.83
C ILE C 21 -10.89 25.58 -15.44
N LYS C 22 -10.20 26.70 -15.34
CA LYS C 22 -10.70 27.92 -15.95
C LYS C 22 -10.77 27.82 -17.48
N ARG C 23 -9.87 27.06 -18.14
CA ARG C 23 -9.97 26.84 -19.60
C ARG C 23 -11.26 26.14 -20.01
N HIS C 24 -11.79 25.25 -19.14
CA HIS C 24 -12.90 24.37 -19.51
C HIS C 24 -14.21 24.78 -18.82
N LEU C 25 -14.09 25.48 -17.72
CA LEU C 25 -15.23 26.01 -17.01
C LEU C 25 -16.11 26.99 -17.81
N PRO C 26 -17.33 26.59 -18.16
CA PRO C 26 -18.18 27.41 -19.02
C PRO C 26 -18.72 28.65 -18.31
N LYS C 27 -19.10 29.67 -19.07
CA LYS C 27 -19.59 30.92 -18.45
C LYS C 27 -21.10 30.88 -18.02
N GLY C 28 -21.48 31.69 -17.05
CA GLY C 28 -22.86 31.74 -16.57
C GLY C 28 -22.96 32.79 -15.49
N GLU C 29 -24.17 32.98 -14.94
CA GLU C 29 -24.37 33.98 -13.88
C GLU C 29 -23.85 33.52 -12.52
N CYS C 30 -23.89 32.20 -12.33
CA CYS C 30 -23.79 31.64 -11.00
C CYS C 30 -22.93 30.38 -11.09
N LEU C 31 -22.03 30.23 -10.12
CA LEU C 31 -21.27 28.99 -9.99
C LEU C 31 -21.72 28.27 -8.74
N VAL C 32 -22.01 26.98 -8.85
CA VAL C 32 -22.35 26.13 -7.70
C VAL C 32 -21.18 25.19 -7.44
N GLU C 33 -20.71 25.15 -6.19
CA GLU C 33 -19.66 24.21 -5.80
C GLU C 33 -20.17 23.39 -4.65
N PRO C 34 -20.55 22.14 -4.93
CA PRO C 34 -21.00 21.13 -3.96
C PRO C 34 -19.88 20.70 -3.01
N PHE C 35 -18.61 20.89 -3.41
CA PHE C 35 -17.45 20.55 -2.51
C PHE C 35 -16.52 21.75 -2.41
N VAL C 36 -16.93 22.85 -1.80
CA VAL C 36 -16.12 24.07 -1.92
C VAL C 36 -14.68 23.89 -1.34
N GLY C 37 -14.51 23.23 -0.18
CA GLY C 37 -13.20 23.13 0.50
C GLY C 37 -12.52 24.49 0.75
N ALA C 38 -11.30 24.62 0.24
CA ALA C 38 -10.42 25.82 0.35
C ALA C 38 -11.02 27.03 -0.36
N GLY C 39 -11.71 26.78 -1.45
CA GLY C 39 -12.38 27.86 -2.15
C GLY C 39 -11.61 28.48 -3.31
N SER C 40 -10.66 27.75 -3.87
CA SER C 40 -9.71 28.36 -4.79
C SER C 40 -10.30 28.67 -6.13
N VAL C 41 -11.29 27.91 -6.56
CA VAL C 41 -12.03 28.23 -7.76
C VAL C 41 -12.88 29.47 -7.51
N PHE C 42 -13.79 29.40 -6.52
CA PHE C 42 -14.48 30.59 -6.00
C PHE C 42 -13.57 31.85 -6.05
N LEU C 43 -12.37 31.74 -5.51
CA LEU C 43 -11.49 32.92 -5.31
C LEU C 43 -10.79 33.45 -6.58
N ASN C 44 -10.83 32.68 -7.67
CA ASN C 44 -10.13 33.02 -8.91
C ASN C 44 -11.01 33.01 -10.14
N THR C 45 -12.28 33.34 -9.96
CA THR C 45 -13.24 33.48 -11.04
C THR C 45 -14.12 34.72 -10.78
N ASP C 46 -14.88 35.15 -11.79
CA ASP C 46 -15.63 36.38 -11.68
C ASP C 46 -17.12 36.12 -11.92
N PHE C 47 -17.74 35.19 -11.19
CA PHE C 47 -19.19 35.00 -11.37
C PHE C 47 -19.97 36.08 -10.61
N SER C 48 -21.15 36.40 -11.12
CA SER C 48 -21.95 37.43 -10.43
C SER C 48 -22.47 36.91 -9.07
N ARG C 49 -22.58 35.58 -8.91
CA ARG C 49 -22.88 35.04 -7.62
C ARG C 49 -22.43 33.57 -7.48
N TYR C 50 -22.30 33.14 -6.23
CA TYR C 50 -21.84 31.80 -5.93
C TYR C 50 -22.77 31.03 -4.96
N ILE C 51 -22.88 29.74 -5.21
CA ILE C 51 -23.47 28.86 -4.24
C ILE C 51 -22.43 27.81 -3.79
N LEU C 52 -22.01 27.92 -2.53
CA LEU C 52 -20.90 27.11 -2.04
C LEU C 52 -21.35 26.22 -0.87
N ALA C 53 -21.17 24.90 -1.03
CA ALA C 53 -21.55 23.94 -0.03
C ALA C 53 -20.41 22.95 0.31
N ASP C 54 -20.52 22.33 1.47
CA ASP C 54 -19.55 21.37 1.99
C ASP C 54 -20.22 20.61 3.12
N ILE C 55 -19.83 19.35 3.30
CA ILE C 55 -20.36 18.52 4.39
C ILE C 55 -19.80 18.93 5.77
N ASN C 56 -18.73 19.68 5.78
CA ASN C 56 -18.05 19.91 7.03
C ASN C 56 -18.68 21.14 7.68
N SER C 57 -19.42 20.87 8.76
CA SER C 57 -20.13 21.96 9.43
C SER C 57 -19.31 23.07 10.04
N ASP C 58 -18.07 22.78 10.47
CA ASP C 58 -17.11 23.77 10.99
C ASP C 58 -16.62 24.68 9.91
N LEU C 59 -16.43 24.10 8.73
CA LEU C 59 -15.85 24.85 7.64
C LEU C 59 -16.89 25.90 7.22
N ILE C 60 -18.12 25.43 7.12
CA ILE C 60 -19.15 26.28 6.58
C ILE C 60 -19.39 27.40 7.59
N SER C 61 -19.41 27.04 8.85
CA SER C 61 -19.67 28.01 9.95
C SER C 61 -18.57 29.08 10.01
N LEU C 62 -17.31 28.66 10.01
CA LEU C 62 -16.22 29.61 9.84
C LEU C 62 -16.50 30.60 8.67
N TYR C 63 -16.92 30.06 7.56
CA TYR C 63 -17.14 30.85 6.37
C TYR C 63 -18.28 31.88 6.55
N ASN C 64 -19.39 31.46 7.16
CA ASN C 64 -20.50 32.37 7.33
C ASN C 64 -20.06 33.50 8.25
N ILE C 65 -19.20 33.15 9.23
CA ILE C 65 -18.63 34.15 10.18
C ILE C 65 -17.64 35.12 9.51
N VAL C 66 -16.82 34.65 8.58
CA VAL C 66 -15.90 35.53 7.90
C VAL C 66 -16.74 36.43 6.99
N LYS C 67 -17.94 35.96 6.58
CA LYS C 67 -18.78 36.73 5.65
C LYS C 67 -19.40 37.96 6.38
N MET C 68 -20.12 37.68 7.48
CA MET C 68 -20.98 38.57 8.23
C MET C 68 -20.29 39.32 9.33
N ARG C 69 -19.18 38.82 9.91
CA ARG C 69 -18.50 39.53 11.05
C ARG C 69 -16.99 39.79 10.78
N THR C 70 -16.68 40.24 9.57
CA THR C 70 -15.32 40.25 9.10
C THR C 70 -14.36 40.81 10.13
N ASP C 71 -14.52 42.08 10.47
CA ASP C 71 -13.51 42.82 11.26
C ASP C 71 -13.26 42.29 12.64
N GLU C 72 -14.37 42.01 13.32
CA GLU C 72 -14.37 41.39 14.62
C GLU C 72 -13.64 40.01 14.59
N TYR C 73 -13.82 39.27 13.49
CA TYR C 73 -13.16 37.96 13.32
C TYR C 73 -11.62 38.05 13.16
N VAL C 74 -11.20 38.81 12.16
CA VAL C 74 -9.80 39.00 11.96
C VAL C 74 -9.07 39.47 13.21
N GLN C 75 -9.70 40.38 14.00
CA GLN C 75 -8.94 40.99 15.11
C GLN C 75 -8.76 39.93 16.16
N ALA C 76 -9.85 39.21 16.43
CA ALA C 76 -9.87 38.16 17.44
C ALA C 76 -8.86 37.04 17.13
N ALA C 77 -8.75 36.67 15.86
CA ALA C 77 -7.91 35.55 15.43
C ALA C 77 -6.44 35.92 15.34
N ARG C 78 -6.13 37.23 15.23
CA ARG C 78 -4.73 37.70 15.07
C ARG C 78 -4.03 37.44 16.38
N GLU C 79 -4.82 37.56 17.43
CA GLU C 79 -4.38 37.40 18.80
C GLU C 79 -3.93 36.01 19.15
N LEU C 80 -4.19 35.02 18.31
CA LEU C 80 -3.62 33.72 18.53
C LEU C 80 -2.41 33.47 17.63
N PHE C 81 -2.00 34.44 16.82
CA PHE C 81 -0.79 34.19 16.04
C PHE C 81 0.40 34.87 16.66
N VAL C 82 0.45 34.81 17.98
CA VAL C 82 1.58 35.40 18.67
C VAL C 82 2.62 34.30 18.97
N PRO C 83 3.82 34.71 19.39
CA PRO C 83 4.79 33.64 19.61
C PRO C 83 4.53 32.81 20.89
N GLU C 84 3.88 33.36 21.92
CA GLU C 84 3.48 32.57 23.13
C GLU C 84 2.58 31.38 22.85
N THR C 85 2.11 31.25 21.61
CA THR C 85 1.22 30.15 21.25
C THR C 85 1.89 29.03 20.47
N ASN C 86 3.08 29.28 19.92
CA ASN C 86 3.74 28.22 19.14
C ASN C 86 4.44 27.13 20.00
N CYS C 87 3.65 26.35 20.75
CA CYS C 87 4.13 25.24 21.56
C CYS C 87 3.01 24.24 21.92
N ALA C 88 3.40 23.08 22.42
CA ALA C 88 2.42 22.04 22.62
C ALA C 88 1.52 22.36 23.80
N GLU C 89 2.06 23.03 24.83
CA GLU C 89 1.21 23.26 26.02
C GLU C 89 0.04 24.13 25.55
N VAL C 90 0.33 25.15 24.76
CA VAL C 90 -0.76 25.99 24.24
C VAL C 90 -1.66 25.33 23.15
N TYR C 91 -1.06 24.59 22.23
CA TYR C 91 -1.85 23.92 21.18
C TYR C 91 -2.91 22.95 21.71
N TYR C 92 -2.55 22.01 22.61
CA TYR C 92 -3.45 20.95 23.10
C TYR C 92 -4.45 21.62 24.00
N GLN C 93 -3.99 22.69 24.62
CA GLN C 93 -4.87 23.60 25.32
C GLN C 93 -5.96 24.20 24.37
N PHE C 94 -5.56 24.83 23.27
CA PHE C 94 -6.57 25.42 22.35
C PHE C 94 -7.48 24.36 21.71
N ARG C 95 -6.93 23.14 21.57
CA ARG C 95 -7.64 22.06 20.98
C ARG C 95 -8.70 21.47 21.93
N GLU C 96 -8.43 21.40 23.23
CA GLU C 96 -9.39 20.97 24.25
C GLU C 96 -10.52 22.02 24.34
N GLU C 97 -10.17 23.30 24.38
CA GLU C 97 -11.15 24.40 24.32
C GLU C 97 -12.06 24.33 23.06
N PHE C 98 -11.46 24.22 21.86
CA PHE C 98 -12.27 24.02 20.67
C PHE C 98 -13.26 22.85 20.83
N ASN C 99 -12.81 21.67 21.29
CA ASN C 99 -13.74 20.51 21.35
C ASN C 99 -14.82 20.60 22.49
N LYS C 100 -14.62 21.45 23.51
CA LYS C 100 -15.64 21.66 24.56
C LYS C 100 -16.52 22.91 24.33
N SER C 101 -16.21 23.75 23.35
CA SER C 101 -16.98 24.96 23.16
C SER C 101 -18.27 24.72 22.31
N GLN C 102 -19.32 25.47 22.65
CA GLN C 102 -20.62 25.42 21.96
C GLN C 102 -20.93 26.77 21.37
N ASP C 103 -19.95 27.68 21.38
CA ASP C 103 -20.04 28.98 20.72
C ASP C 103 -19.39 29.04 19.33
N PRO C 104 -20.18 29.34 18.30
CA PRO C 104 -19.63 29.36 16.94
C PRO C 104 -18.48 30.31 16.66
N PHE C 105 -18.51 31.49 17.24
CA PHE C 105 -17.54 32.49 16.90
C PHE C 105 -16.16 32.03 17.47
N ARG C 106 -16.16 31.57 18.72
CA ARG C 106 -14.90 31.24 19.34
C ARG C 106 -14.32 29.94 18.71
N ARG C 107 -15.21 28.97 18.42
CA ARG C 107 -14.81 27.78 17.68
C ARG C 107 -14.12 28.17 16.36
N ALA C 108 -14.68 29.16 15.68
CA ALA C 108 -14.16 29.55 14.38
C ALA C 108 -12.80 30.24 14.53
N VAL C 109 -12.59 30.92 15.65
CA VAL C 109 -11.30 31.54 15.93
C VAL C 109 -10.23 30.45 16.18
N LEU C 110 -10.58 29.46 16.97
CA LEU C 110 -9.72 28.33 17.31
C LEU C 110 -9.45 27.47 16.09
N PHE C 111 -10.45 27.36 15.21
CA PHE C 111 -10.32 26.48 14.05
C PHE C 111 -9.18 26.95 13.12
N LEU C 112 -8.91 28.24 13.07
CA LEU C 112 -7.90 28.77 12.13
C LEU C 112 -6.47 28.64 12.68
N TYR C 113 -6.32 28.82 14.00
CA TYR C 113 -5.12 28.46 14.71
C TYR C 113 -4.74 26.97 14.48
N LEU C 114 -5.67 26.05 14.70
CA LEU C 114 -5.42 24.64 14.51
C LEU C 114 -5.05 24.31 13.09
N ASN C 115 -5.74 24.92 12.13
CA ASN C 115 -5.40 24.68 10.74
C ASN C 115 -3.93 25.10 10.39
N ARG C 116 -3.36 26.07 11.13
CA ARG C 116 -2.07 26.68 10.75
C ARG C 116 -0.94 26.26 11.72
N TYR C 117 -1.28 25.82 12.93
CA TYR C 117 -0.31 25.26 13.89
C TYR C 117 -0.33 23.69 14.04
N GLY C 118 -1.15 23.00 13.24
CA GLY C 118 -1.39 21.58 13.45
C GLY C 118 -0.84 20.69 12.38
N TYR C 119 -0.69 19.41 12.70
CA TYR C 119 0.09 18.51 11.87
C TYR C 119 -0.30 18.55 10.40
N ASN C 120 0.58 19.09 9.55
CA ASN C 120 0.35 19.13 8.06
C ASN C 120 -0.92 19.88 7.61
N GLY C 121 -1.39 20.75 8.48
CA GLY C 121 -2.62 21.50 8.26
C GLY C 121 -3.81 20.62 7.98
N LEU C 122 -3.95 19.51 8.74
CA LEU C 122 -4.98 18.51 8.42
C LEU C 122 -6.24 18.91 9.16
N CYS C 123 -7.38 18.36 8.74
CA CYS C 123 -8.68 18.47 9.51
C CYS C 123 -9.26 17.06 9.76
N ARG C 124 -9.18 16.55 10.97
CA ARG C 124 -9.56 15.19 11.22
C ARG C 124 -10.30 15.08 12.55
N TYR C 125 -11.12 14.05 12.67
CA TYR C 125 -11.90 13.85 13.88
C TYR C 125 -11.85 12.40 14.37
N ASN C 126 -11.72 12.21 15.70
CA ASN C 126 -11.85 10.85 16.23
C ASN C 126 -13.33 10.34 16.11
N LEU C 127 -13.57 9.18 16.70
CA LEU C 127 -14.87 8.50 16.64
C LEU C 127 -15.97 9.16 17.48
N ARG C 128 -15.58 10.02 18.40
CA ARG C 128 -16.53 10.80 19.14
C ARG C 128 -16.78 12.15 18.50
N GLY C 129 -16.22 12.45 17.34
CA GLY C 129 -16.42 13.76 16.71
C GLY C 129 -15.48 14.85 17.25
N GLU C 130 -14.46 14.50 18.00
CA GLU C 130 -13.50 15.55 18.43
C GLU C 130 -12.35 15.76 17.43
N PHE C 131 -12.06 17.01 17.13
CA PHE C 131 -10.84 17.33 16.34
C PHE C 131 -9.60 16.69 16.97
N ASN C 132 -8.77 16.01 16.20
CA ASN C 132 -7.72 15.20 16.84
C ASN C 132 -6.40 15.27 16.10
N VAL C 133 -6.20 16.36 15.39
CA VAL C 133 -4.95 16.61 14.74
C VAL C 133 -3.97 17.07 15.82
N PRO C 134 -2.82 16.39 15.89
CA PRO C 134 -1.72 16.75 16.84
C PRO C 134 -0.89 17.99 16.40
N PHE C 135 -0.05 18.46 17.33
CA PHE C 135 0.84 19.62 17.12
C PHE C 135 1.82 19.49 15.95
N GLY C 136 1.87 20.51 15.09
CA GLY C 136 2.60 20.41 13.83
C GLY C 136 4.04 20.93 13.84
N ARG C 137 4.46 21.45 14.98
CA ARG C 137 5.85 21.93 15.18
C ARG C 137 6.37 22.82 13.98
N TYR C 138 5.75 23.96 13.70
CA TYR C 138 6.20 24.82 12.62
C TYR C 138 7.15 25.92 13.12
N LYS C 139 8.09 26.34 12.28
CA LYS C 139 8.98 27.50 12.63
C LYS C 139 8.16 28.79 12.84
N LYS C 140 7.46 29.29 11.82
CA LYS C 140 6.54 30.46 12.06
C LYS C 140 5.34 30.40 11.14
N PRO C 141 4.15 30.09 11.73
CA PRO C 141 2.92 29.97 10.94
C PRO C 141 2.55 31.35 10.39
N TYR C 142 2.20 31.39 9.12
CA TYR C 142 1.72 32.62 8.50
C TYR C 142 0.33 33.01 9.06
N PHE C 143 0.14 34.25 9.50
CA PHE C 143 -1.25 34.74 9.71
C PHE C 143 -1.85 35.32 8.42
N PRO C 144 -2.81 34.62 7.79
CA PRO C 144 -3.43 34.98 6.48
C PRO C 144 -4.38 36.21 6.44
N GLU C 145 -3.90 37.36 6.93
CA GLU C 145 -4.68 38.60 6.89
C GLU C 145 -5.21 39.02 5.51
N ALA C 146 -4.33 39.16 4.52
CA ALA C 146 -4.80 39.58 3.18
C ALA C 146 -5.88 38.64 2.59
N GLU C 147 -5.70 37.33 2.84
CA GLU C 147 -6.57 36.32 2.27
C GLU C 147 -7.93 36.31 3.00
N LEU C 148 -7.91 36.54 4.29
CA LEU C 148 -9.14 36.67 5.01
C LEU C 148 -9.97 37.83 4.44
N TYR C 149 -9.33 38.99 4.15
CA TYR C 149 -10.07 40.19 3.66
C TYR C 149 -10.62 39.95 2.27
N HIS C 150 -9.74 39.47 1.39
CA HIS C 150 -10.18 39.17 0.04
C HIS C 150 -11.34 38.15 0.01
N PHE C 151 -11.33 37.20 0.94
CA PHE C 151 -12.33 36.11 0.95
C PHE C 151 -13.69 36.71 1.36
N ALA C 152 -13.65 37.55 2.40
CA ALA C 152 -14.80 38.28 2.93
C ALA C 152 -15.53 39.15 1.87
N GLU C 153 -14.72 39.90 1.12
CA GLU C 153 -15.21 40.84 0.15
C GLU C 153 -15.91 40.00 -0.91
N LYS C 154 -15.18 39.00 -1.36
CA LYS C 154 -15.68 38.07 -2.37
C LYS C 154 -16.92 37.28 -1.87
N ALA C 155 -16.99 37.03 -0.55
CA ALA C 155 -18.10 36.27 0.06
C ALA C 155 -19.45 37.02 0.02
N GLN C 156 -19.40 38.32 -0.25
CA GLN C 156 -20.64 39.16 -0.25
C GLN C 156 -21.59 38.70 -1.38
N ASN C 157 -21.02 38.08 -2.40
CA ASN C 157 -21.84 37.48 -3.46
C ASN C 157 -22.08 35.93 -3.36
N ALA C 158 -21.98 35.37 -2.15
CA ALA C 158 -22.07 33.92 -1.97
C ALA C 158 -23.05 33.50 -0.87
N PHE C 159 -23.79 32.42 -1.08
CA PHE C 159 -24.39 31.73 0.04
C PHE C 159 -23.63 30.41 0.32
N PHE C 160 -23.43 30.11 1.60
CA PHE C 160 -22.72 28.95 2.09
C PHE C 160 -23.69 28.02 2.81
N TYR C 161 -23.72 26.75 2.40
CA TYR C 161 -24.65 25.75 2.92
C TYR C 161 -23.82 24.56 3.40
N CYS C 162 -24.23 23.94 4.50
CA CYS C 162 -23.61 22.76 5.00
C CYS C 162 -24.60 21.63 4.71
N GLU C 163 -24.43 20.99 3.55
CA GLU C 163 -25.30 19.89 3.14
C GLU C 163 -24.53 18.95 2.14
N SER C 164 -25.14 17.84 1.75
CA SER C 164 -24.55 16.85 0.84
C SER C 164 -24.56 17.31 -0.60
N TYR C 165 -23.64 16.82 -1.43
CA TYR C 165 -23.56 17.23 -2.86
C TYR C 165 -24.91 17.09 -3.61
N ALA C 166 -25.70 16.04 -3.38
CA ALA C 166 -27.09 15.99 -3.96
C ALA C 166 -27.92 17.23 -3.72
N ASP C 167 -27.94 17.72 -2.47
CA ASP C 167 -28.76 18.86 -2.11
C ASP C 167 -28.23 20.15 -2.75
N SER C 168 -26.95 20.51 -2.60
CA SER C 168 -26.41 21.70 -3.32
C SER C 168 -26.56 21.63 -4.84
N MET C 169 -26.34 20.50 -5.46
CA MET C 169 -26.57 20.43 -6.91
C MET C 169 -28.06 20.62 -7.33
N ALA C 170 -29.00 20.24 -6.46
CA ALA C 170 -30.43 20.55 -6.72
C ALA C 170 -30.74 22.07 -6.73
N ARG C 171 -29.85 22.89 -6.19
CA ARG C 171 -30.07 24.34 -6.24
C ARG C 171 -29.65 24.98 -7.55
N ALA C 172 -28.82 24.30 -8.33
CA ALA C 172 -28.37 24.90 -9.61
C ALA C 172 -29.56 25.07 -10.57
N ASP C 173 -29.55 26.15 -11.37
CA ASP C 173 -30.64 26.40 -12.35
C ASP C 173 -30.15 26.82 -13.74
N ASP C 174 -31.11 27.29 -14.57
CA ASP C 174 -30.91 27.87 -15.93
C ASP C 174 -29.57 28.53 -16.11
N ALA C 175 -29.21 29.36 -15.15
CA ALA C 175 -28.13 30.32 -15.36
C ALA C 175 -26.88 29.91 -14.55
N SER C 176 -26.90 28.66 -14.10
CA SER C 176 -25.89 28.19 -13.19
C SER C 176 -24.84 27.43 -13.95
N VAL C 177 -23.66 27.37 -13.39
CA VAL C 177 -22.66 26.33 -13.79
C VAL C 177 -22.29 25.53 -12.53
N VAL C 178 -21.94 24.26 -12.71
CA VAL C 178 -21.58 23.46 -11.56
C VAL C 178 -20.16 22.91 -11.66
N TYR C 179 -19.37 23.22 -10.63
CA TYR C 179 -17.99 22.67 -10.59
C TYR C 179 -17.82 21.73 -9.40
N CYS C 180 -17.56 20.48 -9.69
CA CYS C 180 -17.40 19.46 -8.65
C CYS C 180 -15.91 19.00 -8.46
N ASP C 181 -15.44 18.95 -7.22
CA ASP C 181 -14.08 18.56 -6.87
C ASP C 181 -14.18 17.48 -5.73
N PRO C 182 -14.60 16.24 -6.08
CA PRO C 182 -14.97 15.36 -4.96
C PRO C 182 -13.72 14.82 -4.29
N PRO C 183 -13.83 14.24 -3.08
CA PRO C 183 -12.67 13.46 -2.52
C PRO C 183 -12.17 12.50 -3.60
N TYR C 184 -10.84 12.46 -3.80
CA TYR C 184 -10.26 11.72 -4.93
C TYR C 184 -10.64 10.23 -4.85
N ALA C 185 -10.89 9.65 -6.02
CA ALA C 185 -11.02 8.20 -6.21
C ALA C 185 -9.75 7.40 -5.76
N PRO C 186 -9.93 6.14 -5.31
CA PRO C 186 -8.79 5.28 -4.86
C PRO C 186 -7.70 5.15 -5.94
N LEU C 187 -6.44 5.42 -5.58
CA LEU C 187 -5.30 5.33 -6.57
C LEU C 187 -4.72 3.89 -6.61
N ASN C 199 -16.52 7.20 8.12
CA ASN C 199 -17.46 7.91 7.24
C ASN C 199 -16.81 8.50 5.93
N SER C 200 -16.07 7.68 5.17
CA SER C 200 -15.37 8.14 3.95
C SER C 200 -16.39 8.51 2.79
N PHE C 201 -15.89 8.96 1.66
CA PHE C 201 -16.72 9.15 0.44
C PHE C 201 -16.72 7.81 -0.30
N THR C 202 -17.89 7.25 -0.59
CA THR C 202 -17.87 5.87 -1.17
C THR C 202 -17.92 5.80 -2.74
N LEU C 203 -17.50 4.67 -3.30
CA LEU C 203 -17.70 4.44 -4.72
C LEU C 203 -19.17 4.61 -5.16
N GLU C 204 -20.12 4.29 -4.29
CA GLU C 204 -21.52 4.50 -4.67
C GLU C 204 -21.79 5.96 -4.84
N GLN C 205 -21.11 6.79 -4.05
CA GLN C 205 -21.37 8.20 -4.08
C GLN C 205 -20.69 8.85 -5.28
N GLN C 206 -19.48 8.37 -5.59
CA GLN C 206 -18.66 8.82 -6.73
C GLN C 206 -19.55 8.62 -8.01
N ALA C 207 -20.22 7.45 -8.14
CA ALA C 207 -21.03 7.21 -9.34
C ALA C 207 -22.33 7.96 -9.25
N HIS C 208 -22.86 8.06 -8.05
CA HIS C 208 -24.04 8.87 -7.85
C HIS C 208 -23.77 10.27 -8.41
N LEU C 209 -22.55 10.77 -8.19
CA LEU C 209 -22.26 12.14 -8.57
C LEU C 209 -22.28 12.25 -10.11
N ALA C 210 -21.71 11.25 -10.79
CA ALA C 210 -21.84 11.21 -12.26
C ALA C 210 -23.32 11.22 -12.72
N GLU C 211 -24.20 10.45 -12.06
CA GLU C 211 -25.63 10.46 -12.47
C GLU C 211 -26.24 11.84 -12.35
N ILE C 212 -25.98 12.51 -11.24
CA ILE C 212 -26.65 13.80 -11.04
C ILE C 212 -26.23 14.76 -12.14
N ALA C 213 -24.96 14.65 -12.51
CA ALA C 213 -24.41 15.51 -13.55
C ALA C 213 -25.12 15.24 -14.88
N GLU C 214 -25.33 13.98 -15.23
CA GLU C 214 -25.98 13.61 -16.49
C GLU C 214 -27.36 14.21 -16.55
N GLY C 215 -28.02 14.21 -15.39
CA GLY C 215 -29.33 14.81 -15.30
C GLY C 215 -29.30 16.31 -15.40
N LEU C 216 -28.21 16.96 -14.96
CA LEU C 216 -28.19 18.42 -15.01
C LEU C 216 -27.88 18.88 -16.42
N VAL C 217 -27.13 18.09 -17.16
CA VAL C 217 -26.85 18.51 -18.55
C VAL C 217 -28.10 18.29 -19.44
N GLU C 218 -28.89 17.24 -19.18
CA GLU C 218 -30.16 17.07 -19.94
C GLU C 218 -31.02 18.30 -19.74
N ARG C 219 -30.86 19.01 -18.63
CA ARG C 219 -31.55 20.29 -18.50
C ARG C 219 -30.69 21.48 -18.86
N HIS C 220 -29.64 21.26 -19.64
CA HIS C 220 -28.78 22.37 -20.10
C HIS C 220 -28.05 23.12 -18.97
N ILE C 221 -27.74 22.44 -17.86
CA ILE C 221 -26.93 23.04 -16.84
C ILE C 221 -25.58 22.40 -17.01
N PRO C 222 -24.57 23.17 -17.40
CA PRO C 222 -23.25 22.55 -17.60
C PRO C 222 -22.56 22.15 -16.27
N VAL C 223 -21.93 20.98 -16.24
CA VAL C 223 -21.24 20.51 -15.07
C VAL C 223 -19.75 20.18 -15.43
N LEU C 224 -18.79 20.57 -14.58
CA LEU C 224 -17.37 20.14 -14.76
C LEU C 224 -16.84 19.40 -13.51
N ILE C 225 -16.31 18.19 -13.65
CA ILE C 225 -15.81 17.47 -12.47
C ILE C 225 -14.31 17.18 -12.62
N SER C 226 -13.52 17.35 -11.57
CA SER C 226 -12.14 16.92 -11.56
C SER C 226 -11.97 15.72 -10.67
N ASN C 227 -10.93 14.93 -10.97
CA ASN C 227 -10.63 13.69 -10.26
C ASN C 227 -9.33 13.05 -10.83
N HIS C 228 -8.76 12.04 -10.17
CA HIS C 228 -7.64 11.29 -10.78
C HIS C 228 -8.13 10.63 -12.06
N ASP C 229 -7.16 10.28 -12.92
CA ASP C 229 -7.44 9.53 -14.17
C ASP C 229 -7.17 8.03 -13.89
N THR C 230 -8.25 7.26 -13.79
CA THR C 230 -8.20 5.87 -13.45
C THR C 230 -9.34 5.17 -14.20
N MET C 231 -9.31 3.87 -14.09
CA MET C 231 -10.25 3.02 -14.69
C MET C 231 -11.66 3.37 -14.20
N LEU C 232 -11.82 3.63 -12.89
CA LEU C 232 -13.15 3.95 -12.34
C LEU C 232 -13.60 5.32 -12.76
N THR C 233 -12.67 6.31 -12.77
CA THR C 233 -13.09 7.62 -13.19
C THR C 233 -13.49 7.67 -14.65
N ARG C 234 -12.88 6.87 -15.51
CA ARG C 234 -13.34 6.90 -16.91
C ARG C 234 -14.64 6.13 -17.05
N GLU C 235 -14.81 5.09 -16.25
CA GLU C 235 -16.09 4.43 -16.20
C GLU C 235 -17.18 5.43 -15.78
N TRP C 236 -17.10 6.02 -14.60
CA TRP C 236 -18.23 6.87 -14.16
C TRP C 236 -18.41 8.04 -15.10
N TYR C 237 -17.34 8.70 -15.56
CA TYR C 237 -17.58 9.89 -16.44
C TYR C 237 -17.68 9.59 -17.98
N GLN C 238 -18.04 8.36 -18.30
CA GLN C 238 -18.03 7.89 -19.68
C GLN C 238 -18.87 8.78 -20.66
N ARG C 239 -19.70 9.69 -20.15
CA ARG C 239 -20.58 10.49 -21.01
C ARG C 239 -20.13 11.93 -21.06
N ALA C 240 -19.10 12.29 -20.33
CA ALA C 240 -18.63 13.66 -20.41
C ALA C 240 -17.67 13.76 -21.65
N LYS C 241 -17.36 14.96 -22.15
CA LYS C 241 -16.14 15.07 -23.00
C LYS C 241 -14.94 14.96 -22.06
N LEU C 242 -14.01 14.05 -22.27
CA LEU C 242 -12.86 13.89 -21.36
C LEU C 242 -11.57 14.66 -21.69
N HIS C 243 -10.83 15.06 -20.67
CA HIS C 243 -9.61 15.84 -20.89
C HIS C 243 -8.59 15.40 -19.88
N VAL C 244 -7.53 14.71 -20.32
CA VAL C 244 -6.46 14.30 -19.43
C VAL C 244 -5.43 15.41 -19.33
N VAL C 245 -4.92 15.63 -18.13
CA VAL C 245 -3.97 16.70 -17.85
C VAL C 245 -2.81 16.12 -17.08
N LYS C 246 -1.65 16.15 -17.76
CA LYS C 246 -0.35 15.75 -17.20
C LYS C 246 0.04 16.68 -16.05
N VAL C 247 0.66 16.09 -15.01
CA VAL C 247 1.50 16.78 -14.00
C VAL C 247 2.36 15.69 -13.36
N VAL C 261 0.44 9.62 -11.34
CA VAL C 261 -0.97 9.99 -11.24
C VAL C 261 -1.31 11.25 -12.10
N ASP C 262 -1.98 11.02 -13.23
CA ASP C 262 -2.57 12.07 -14.06
C ASP C 262 -3.94 12.51 -13.51
N GLU C 263 -4.39 13.70 -13.91
CA GLU C 263 -5.63 14.31 -13.46
C GLU C 263 -6.63 14.32 -14.62
N LEU C 264 -7.89 14.05 -14.33
CA LEU C 264 -8.91 13.92 -15.37
C LEU C 264 -9.94 15.05 -15.19
N LEU C 265 -10.27 15.76 -16.25
CA LEU C 265 -11.33 16.76 -16.17
C LEU C 265 -12.53 16.29 -17.01
N ALA C 266 -13.72 16.21 -16.43
CA ALA C 266 -14.83 15.68 -17.24
C ALA C 266 -15.83 16.80 -17.44
N LEU C 267 -16.16 17.13 -18.69
CA LEU C 267 -17.06 18.27 -18.97
C LEU C 267 -18.36 17.78 -19.58
N TYR C 268 -19.47 18.11 -18.94
CA TYR C 268 -20.84 17.83 -19.47
C TYR C 268 -21.44 19.13 -20.07
N LYS C 269 -21.27 19.33 -21.40
CA LYS C 269 -21.80 20.48 -22.17
C LYS C 269 -23.12 20.14 -22.84
N PRO C 270 -24.12 21.02 -22.70
CA PRO C 270 -25.35 21.00 -23.50
C PRO C 270 -25.05 21.44 -24.91
O 0Y0 D . 0.84 -10.92 -14.03
C 0Y0 D . 0.80 -12.09 -13.59
OXT 0Y0 D . 0.22 -12.31 -12.46
CA 0Y0 D . 1.38 -13.16 -14.39
N 0Y0 D . 2.56 -13.73 -13.76
CB 0Y0 D . 0.33 -14.25 -14.40
CAS 0Y0 D . -0.76 -14.36 -15.43
NAR 0Y0 D . -1.15 -15.71 -15.71
CAF 0Y0 D . -2.47 -15.97 -15.17
CAA 0Y0 D . -3.38 -16.66 -16.02
OAE 0Y0 D . -3.94 -17.66 -15.21
CAB 0Y0 D . -4.50 -15.80 -16.35
OAH 0Y0 D . -4.80 -15.86 -17.63
CAC 0Y0 D . -5.62 -16.31 -15.62
OAI 0Y0 D . -6.72 -16.18 -16.40
CAD 0Y0 D . -5.28 -17.71 -15.40
N9 0Y0 D . -5.84 -18.27 -14.20
C8 0Y0 D . -6.16 -17.61 -13.11
N7 0Y0 D . -6.62 -18.48 -12.24
C5 0Y0 D . -6.59 -19.69 -12.77
C4 0Y0 D . -6.09 -19.55 -14.03
N3 0Y0 D . -5.96 -20.62 -14.79
C2 0Y0 D . -6.29 -21.79 -14.33
N1 0Y0 D . -6.78 -21.96 -13.12
C6 0Y0 D . -6.93 -20.93 -12.32
N6 0Y0 D . -7.50 -21.12 -10.97
O 0Y0 E . 11.16 -3.04 13.53
C 0Y0 E . 10.83 -2.36 14.55
OXT 0Y0 E . 9.57 -2.20 14.80
CA 0Y0 E . 11.85 -1.74 15.45
N 0Y0 E . 11.40 -0.48 16.10
CB 0Y0 E . 12.29 -2.79 16.53
CAS 0Y0 E . 11.30 -3.28 17.59
NAR 0Y0 E . 11.16 -4.72 17.85
CAF 0Y0 E . 10.29 -4.94 19.03
CAA 0Y0 E . 10.58 -6.03 19.99
OAE 0Y0 E . 9.56 -6.01 21.03
CAB 0Y0 E . 10.56 -7.38 19.37
OAH 0Y0 E . 11.63 -8.10 19.77
CAC 0Y0 E . 9.31 -8.03 19.82
OAI 0Y0 E . 9.49 -9.41 20.00
CAD 0Y0 E . 8.99 -7.29 21.10
N9 0Y0 E . 7.59 -7.20 21.47
C8 0Y0 E . 6.49 -7.30 20.70
N7 0Y0 E . 5.40 -7.18 21.49
C5 0Y0 E . 5.81 -6.99 22.75
C4 0Y0 E . 7.22 -7.02 22.76
N3 0Y0 E . 7.85 -6.89 23.95
C2 0Y0 E . 7.19 -6.72 25.12
N1 0Y0 E . 5.86 -6.68 25.13
C6 0Y0 E . 5.15 -6.83 23.97
N6 0Y0 E . 3.65 -6.84 23.95
O 0Y0 F . -9.55 14.63 -2.68
C 0Y0 F . -8.87 15.72 -2.71
OXT 0Y0 F . -7.83 15.82 -1.94
CA 0Y0 F . -9.26 16.85 -3.59
N 0Y0 F . -10.07 16.46 -4.75
CB 0Y0 F . -10.06 17.83 -2.69
CAS 0Y0 F . -11.48 17.45 -2.32
NAR 0Y0 F . -12.05 17.99 -1.12
CAF 0Y0 F . -13.45 17.57 -0.97
CAA 0Y0 F . -14.33 18.37 -0.15
OAE 0Y0 F . -15.55 17.63 -0.12
CAB 0Y0 F . -13.94 18.52 1.29
OAH 0Y0 F . -14.06 19.82 1.68
CAC 0Y0 F . -14.83 17.66 2.10
OAI 0Y0 F . -15.09 18.18 3.35
CAD 0Y0 F . -16.04 17.63 1.23
N9 0Y0 F . -16.94 16.48 1.29
C8 0Y0 F . -16.63 15.19 1.58
N7 0Y0 F . -17.75 14.45 1.43
C5 0Y0 F . -18.74 15.25 1.00
C4 0Y0 F . -18.22 16.56 0.88
N3 0Y0 F . -19.04 17.56 0.47
C2 0Y0 F . -20.33 17.31 0.17
N1 0Y0 F . -20.85 16.05 0.26
C6 0Y0 F . -20.08 15.04 0.68
N6 0Y0 F . -20.60 13.65 0.81
#